data_5JR2
#
_entry.id   5JR2
#
_cell.length_a   37.137
_cell.length_b   84.467
_cell.length_c   127.894
_cell.angle_alpha   90.00
_cell.angle_beta   93.87
_cell.angle_gamma   90.00
#
_symmetry.space_group_name_H-M   'P 1 21 1'
#
loop_
_entity.id
_entity.type
_entity.pdbx_description
1 polymer 'Ephrin type-A receptor 4'
2 polymer 'APYd3 peptide'
3 non-polymer HEXANE-1,6-DIOL
4 non-polymer GLYCEROL
5 water water
#
loop_
_entity_poly.entity_id
_entity_poly.type
_entity_poly.pdbx_seq_one_letter_code
_entity_poly.pdbx_strand_id
1 'polypeptide(L)'
;GPGNEVTLLDSRSVQGELGWIASPLEGGWEEVSIMDEKNTPIRTYQVCNVMEPSQNNWLRTDWITREGAQRVYIEIKFTL
RDCNSLPGVMGTCKETFNLYYYESDNDKERFIRENQFVKIDTIAADESFTQVDIGDRIMKLNTEIRDVGPLSKKGFYLAF
QDVGACIALVSVRVFYKKA
;
A,B,C,D
2 'polypeptide(L)' (BAL)PYCVYR(BAL)SWSC(NH2) E,F,G,H
#
# COMPACT_ATOMS: atom_id res chain seq x y z
N GLY A 1 -46.17 10.71 12.30
CA GLY A 1 -45.09 9.71 12.46
C GLY A 1 -44.71 9.07 11.13
N PRO A 2 -43.84 8.05 11.17
CA PRO A 2 -43.42 7.33 9.97
C PRO A 2 -44.57 6.95 9.04
N GLY A 3 -45.73 6.64 9.62
CA GLY A 3 -46.93 6.32 8.82
C GLY A 3 -47.34 7.36 7.79
N ASN A 4 -47.13 8.64 8.11
N ASN A 4 -47.15 8.64 8.09
CA ASN A 4 -47.49 9.75 7.23
CA ASN A 4 -47.52 9.68 7.12
C ASN A 4 -46.30 10.32 6.45
C ASN A 4 -46.31 10.30 6.41
N GLU A 5 -45.12 9.74 6.67
CA GLU A 5 -43.90 10.20 6.03
C GLU A 5 -43.53 9.24 4.95
N VAL A 6 -43.00 9.77 3.87
CA VAL A 6 -42.42 8.95 2.85
C VAL A 6 -40.96 9.32 2.80
N THR A 7 -40.10 8.32 2.99
CA THR A 7 -38.66 8.55 2.97
C THR A 7 -38.14 8.62 1.54
N LEU A 8 -37.36 9.65 1.26
CA LEU A 8 -36.71 9.87 -0.02
C LEU A 8 -35.22 9.46 0.00
N LEU A 9 -34.59 9.58 1.15
CA LEU A 9 -33.17 9.21 1.35
C LEU A 9 -33.03 8.89 2.81
N ASP A 10 -32.35 7.80 3.12
CA ASP A 10 -31.94 7.57 4.51
C ASP A 10 -30.56 6.92 4.46
N SER A 11 -29.56 7.68 4.88
CA SER A 11 -28.18 7.20 4.82
C SER A 11 -27.97 5.95 5.67
N ARG A 12 -28.80 5.77 6.70
CA ARG A 12 -28.67 4.60 7.56
C ARG A 12 -29.14 3.31 6.91
N SER A 13 -29.93 3.40 5.86
CA SER A 13 -30.51 2.21 5.25
C SER A 13 -29.85 1.85 3.91
N VAL A 14 -28.81 2.58 3.54
CA VAL A 14 -28.07 2.28 2.32
C VAL A 14 -27.19 1.05 2.56
N GLN A 15 -27.21 0.11 1.63
CA GLN A 15 -26.32 -1.06 1.69
C GLN A 15 -24.99 -0.77 1.00
N GLY A 16 -23.89 -0.99 1.71
CA GLY A 16 -22.57 -0.69 1.18
C GLY A 16 -22.24 0.79 1.33
N GLU A 17 -21.11 1.19 0.75
CA GLU A 17 -20.61 2.54 0.91
C GLU A 17 -21.60 3.54 0.35
N LEU A 18 -21.66 4.71 0.96
CA LEU A 18 -22.52 5.75 0.42
C LEU A 18 -21.99 6.25 -0.93
N GLY A 19 -20.66 6.42 -1.01
CA GLY A 19 -19.97 6.84 -2.24
C GLY A 19 -20.44 8.19 -2.72
N TRP A 20 -20.80 9.07 -1.79
CA TRP A 20 -21.34 10.37 -2.17
C TRP A 20 -20.13 11.10 -2.76
N ILE A 21 -20.34 12.22 -3.40
CA ILE A 21 -19.25 12.82 -4.12
C ILE A 21 -18.62 13.90 -3.24
N ALA A 22 -17.33 13.75 -2.95
CA ALA A 22 -16.59 14.72 -2.13
C ALA A 22 -15.69 15.56 -3.03
N SER A 23 -15.62 16.85 -2.73
N SER A 23 -15.62 16.85 -2.73
CA SER A 23 -14.72 17.78 -3.40
CA SER A 23 -14.75 17.79 -3.43
C SER A 23 -14.08 18.65 -2.35
C SER A 23 -14.08 18.67 -2.35
N PRO A 24 -12.79 18.47 -2.06
CA PRO A 24 -11.83 17.55 -2.69
C PRO A 24 -12.14 16.08 -2.46
N LEU A 25 -11.70 15.27 -3.42
CA LEU A 25 -11.93 13.83 -3.40
C LEU A 25 -11.20 13.13 -2.26
N GLU A 26 -10.05 13.66 -1.87
CA GLU A 26 -9.28 13.12 -0.75
C GLU A 26 -8.87 14.22 0.19
N GLY A 27 -8.84 13.89 1.48
CA GLY A 27 -8.34 14.80 2.49
C GLY A 27 -9.35 15.76 3.07
N GLY A 28 -10.57 15.79 2.53
CA GLY A 28 -11.68 16.58 3.06
C GLY A 28 -12.66 15.60 3.69
N TRP A 29 -13.91 15.64 3.23
CA TRP A 29 -14.94 14.73 3.78
C TRP A 29 -14.57 13.30 3.41
N GLU A 30 -14.60 12.41 4.41
N GLU A 30 -14.60 12.41 4.41
CA GLU A 30 -14.28 11.00 4.19
CA GLU A 30 -14.28 11.00 4.21
C GLU A 30 -15.29 10.11 4.91
C GLU A 30 -15.30 10.11 4.91
N GLU A 31 -15.54 8.94 4.33
CA GLU A 31 -16.43 7.95 4.92
C GLU A 31 -15.72 7.27 6.08
N VAL A 32 -16.42 7.14 7.21
CA VAL A 32 -15.94 6.44 8.40
C VAL A 32 -17.06 5.55 8.92
N SER A 33 -16.83 4.25 8.98
CA SER A 33 -17.79 3.33 9.53
C SER A 33 -17.69 3.16 11.02
N ILE A 34 -18.84 3.24 11.68
CA ILE A 34 -18.95 2.92 13.12
C ILE A 34 -19.77 1.65 13.19
N MET A 35 -19.25 0.61 13.81
CA MET A 35 -19.92 -0.69 13.78
C MET A 35 -20.95 -0.78 14.90
N ASP A 36 -22.19 -1.13 14.56
CA ASP A 36 -23.22 -1.31 15.60
C ASP A 36 -23.09 -2.72 16.21
N GLU A 37 -24.00 -3.08 17.13
CA GLU A 37 -23.90 -4.26 17.96
C GLU A 37 -23.95 -5.55 17.12
N LYS A 38 -24.61 -5.47 15.97
CA LYS A 38 -24.71 -6.60 15.03
C LYS A 38 -23.64 -6.56 13.95
N ASN A 39 -22.66 -5.67 14.13
CA ASN A 39 -21.56 -5.46 13.21
C ASN A 39 -22.06 -5.01 11.85
N THR A 40 -23.11 -4.21 11.85
CA THR A 40 -23.54 -3.50 10.66
C THR A 40 -22.97 -2.09 10.70
N PRO A 41 -22.37 -1.63 9.59
CA PRO A 41 -21.72 -0.35 9.64
C PRO A 41 -22.71 0.81 9.63
N ILE A 42 -22.45 1.79 10.49
CA ILE A 42 -23.14 3.06 10.45
C ILE A 42 -22.22 3.93 9.61
N ARG A 43 -22.71 4.35 8.44
CA ARG A 43 -21.88 5.03 7.46
C ARG A 43 -21.89 6.52 7.72
N THR A 44 -20.84 7.00 8.34
CA THR A 44 -20.73 8.43 8.64
C THR A 44 -19.78 9.10 7.63
N TYR A 45 -19.91 10.42 7.54
CA TYR A 45 -18.98 11.26 6.82
C TYR A 45 -18.38 12.25 7.77
N GLN A 46 -17.05 12.43 7.72
CA GLN A 46 -16.36 13.25 8.68
C GLN A 46 -15.31 14.10 8.02
N VAL A 47 -15.07 15.27 8.60
CA VAL A 47 -13.94 16.09 8.22
C VAL A 47 -13.50 16.85 9.45
N CYS A 48 -12.17 17.08 9.57
CA CYS A 48 -11.65 17.75 10.77
C CYS A 48 -10.28 18.35 10.48
N ASN A 49 -10.24 19.23 9.51
CA ASN A 49 -9.01 19.92 9.11
C ASN A 49 -8.85 21.23 9.85
N VAL A 50 -9.00 21.16 11.18
CA VAL A 50 -9.03 22.36 12.00
C VAL A 50 -7.66 23.01 12.10
N MET A 51 -6.60 22.28 11.78
CA MET A 51 -5.25 22.83 11.81
C MET A 51 -4.82 23.52 10.51
N GLU A 52 -5.65 23.48 9.46
CA GLU A 52 -5.29 24.01 8.15
C GLU A 52 -6.21 25.16 7.75
N PRO A 53 -5.68 26.20 7.10
CA PRO A 53 -6.52 27.35 6.78
C PRO A 53 -7.35 27.15 5.53
N SER A 54 -8.32 28.06 5.33
CA SER A 54 -9.05 28.21 4.06
C SER A 54 -9.72 26.92 3.63
N GLN A 55 -10.43 26.28 4.55
CA GLN A 55 -11.15 25.05 4.23
C GLN A 55 -12.42 25.33 3.47
N ASN A 56 -12.69 24.50 2.45
CA ASN A 56 -13.85 24.62 1.65
C ASN A 56 -14.16 23.24 1.13
N ASN A 57 -14.56 22.35 2.03
CA ASN A 57 -14.79 20.98 1.68
C ASN A 57 -16.25 20.72 1.42
N TRP A 58 -16.55 20.19 0.26
CA TRP A 58 -17.91 19.88 -0.13
C TRP A 58 -18.17 18.40 -0.21
N LEU A 59 -19.40 18.04 0.10
CA LEU A 59 -19.88 16.67 0.04
C LEU A 59 -21.29 16.75 -0.54
N ARG A 60 -21.57 15.97 -1.56
CA ARG A 60 -22.93 15.98 -2.09
C ARG A 60 -23.51 14.62 -2.26
N THR A 61 -24.82 14.54 -2.00
CA THR A 61 -25.51 13.29 -2.15
C THR A 61 -25.60 12.94 -3.63
N ASP A 62 -26.05 11.72 -3.87
CA ASP A 62 -26.53 11.41 -5.18
C ASP A 62 -27.87 12.09 -5.40
N TRP A 63 -28.41 11.98 -6.60
CA TRP A 63 -29.70 12.58 -6.93
C TRP A 63 -30.81 11.93 -6.11
N ILE A 64 -31.71 12.77 -5.59
CA ILE A 64 -32.85 12.34 -4.77
C ILE A 64 -34.13 12.75 -5.48
N THR A 65 -34.96 11.76 -5.82
CA THR A 65 -36.29 12.09 -6.44
C THR A 65 -37.14 12.84 -5.42
N ARG A 66 -37.92 13.83 -5.85
CA ARG A 66 -38.90 14.42 -4.94
C ARG A 66 -40.29 13.76 -4.98
N GLU A 67 -40.50 12.81 -5.89
N GLU A 67 -40.47 12.79 -5.89
CA GLU A 67 -41.81 12.13 -6.02
CA GLU A 67 -41.74 12.14 -6.07
C GLU A 67 -43.05 13.01 -5.94
C GLU A 67 -42.71 13.29 -6.39
N GLY A 68 -43.08 14.16 -6.62
N GLY A 68 -43.85 13.36 -5.74
CA GLY A 68 -44.23 15.05 -6.57
CA GLY A 68 -44.76 14.46 -6.02
C GLY A 68 -44.48 15.84 -5.28
C GLY A 68 -44.63 15.68 -5.13
N ALA A 69 -43.58 15.72 -4.29
CA ALA A 69 -43.63 16.56 -3.08
C ALA A 69 -43.06 17.91 -3.47
N GLN A 70 -43.63 19.04 -3.04
CA GLN A 70 -42.92 20.34 -3.16
C GLN A 70 -42.13 20.75 -1.93
N ARG A 71 -42.44 20.16 -0.80
N ARG A 71 -42.44 20.17 -0.79
CA ARG A 71 -41.80 20.51 0.46
CA ARG A 71 -41.78 20.50 0.47
C ARG A 71 -41.22 19.22 1.07
C ARG A 71 -41.21 19.22 1.05
N VAL A 72 -39.92 19.25 1.34
CA VAL A 72 -39.27 18.10 1.93
C VAL A 72 -38.65 18.53 3.22
N TYR A 73 -38.27 17.54 4.00
CA TYR A 73 -37.75 17.73 5.34
C TYR A 73 -36.47 16.96 5.43
N ILE A 74 -35.44 17.62 5.95
CA ILE A 74 -34.10 17.07 6.04
C ILE A 74 -33.73 16.98 7.50
N GLU A 75 -33.46 15.77 7.99
CA GLU A 75 -33.13 15.50 9.40
C GLU A 75 -31.70 15.02 9.45
N ILE A 76 -30.87 15.71 10.19
CA ILE A 76 -29.47 15.34 10.30
C ILE A 76 -29.11 15.08 11.75
N LYS A 77 -28.45 13.95 11.98
N LYS A 77 -28.46 13.95 11.98
CA LYS A 77 -27.85 13.66 13.27
CA LYS A 77 -27.86 13.65 13.28
C LYS A 77 -26.34 13.76 13.12
C LYS A 77 -26.34 13.75 13.13
N PHE A 78 -25.73 14.52 14.00
CA PHE A 78 -24.32 14.86 13.87
C PHE A 78 -23.70 15.16 15.20
N THR A 79 -22.36 15.19 15.20
CA THR A 79 -21.62 15.67 16.34
C THR A 79 -20.44 16.50 15.88
N LEU A 80 -20.12 17.52 16.66
CA LEU A 80 -18.95 18.35 16.44
C LEU A 80 -18.07 18.33 17.68
N ARG A 81 -16.79 18.54 17.47
CA ARG A 81 -15.93 18.89 18.60
C ARG A 81 -15.86 20.39 18.72
N ASP A 82 -16.14 20.93 19.91
CA ASP A 82 -16.00 22.36 20.16
C ASP A 82 -14.54 22.76 19.99
N CYS A 83 -14.31 23.93 19.44
CA CYS A 83 -12.96 24.42 19.18
C CYS A 83 -12.18 24.52 20.49
N ASN A 84 -12.88 24.87 21.57
CA ASN A 84 -12.21 25.03 22.86
C ASN A 84 -11.80 23.70 23.49
N SER A 85 -12.25 22.58 22.90
CA SER A 85 -11.84 21.24 23.34
C SER A 85 -10.71 20.66 22.53
N LEU A 86 -10.27 21.38 21.49
CA LEU A 86 -9.19 20.94 20.62
C LEU A 86 -7.92 21.74 20.89
N PRO A 87 -6.92 21.11 21.51
CA PRO A 87 -5.71 21.86 21.73
C PRO A 87 -4.98 22.19 20.45
N GLY A 88 -4.35 23.36 20.49
CA GLY A 88 -3.61 23.91 19.40
C GLY A 88 -4.18 25.29 19.21
N VAL A 89 -3.39 26.18 18.69
CA VAL A 89 -3.89 27.47 18.31
C VAL A 89 -4.63 27.23 16.98
N MET A 90 -5.92 27.57 16.94
N MET A 90 -5.92 27.56 16.94
CA MET A 90 -6.75 27.41 15.74
CA MET A 90 -6.75 27.40 15.74
C MET A 90 -7.57 28.65 15.49
C MET A 90 -7.57 28.65 15.49
N GLY A 91 -6.92 29.68 14.97
CA GLY A 91 -7.58 30.93 14.64
C GLY A 91 -8.80 30.85 13.75
N THR A 92 -8.87 29.84 12.89
CA THR A 92 -10.01 29.72 11.98
C THR A 92 -10.92 28.54 12.27
N CYS A 93 -10.78 27.89 13.42
CA CYS A 93 -11.72 26.82 13.81
C CYS A 93 -13.19 27.26 13.87
N LYS A 94 -14.07 26.42 13.35
CA LYS A 94 -15.50 26.69 13.27
C LYS A 94 -16.29 25.58 13.94
N GLU A 95 -17.54 25.87 14.29
CA GLU A 95 -18.41 24.88 14.94
C GLU A 95 -19.75 24.83 14.24
N THR A 96 -19.75 25.09 12.95
CA THR A 96 -20.94 24.98 12.15
C THR A 96 -20.57 24.32 10.83
N PHE A 97 -21.58 23.94 10.07
CA PHE A 97 -21.39 23.56 8.67
C PHE A 97 -22.59 24.13 7.86
N ASN A 98 -22.45 24.23 6.56
CA ASN A 98 -23.50 24.79 5.73
C ASN A 98 -24.19 23.70 4.93
N LEU A 99 -25.50 23.84 4.79
CA LEU A 99 -26.32 22.88 4.10
C LEU A 99 -26.94 23.56 2.87
N TYR A 100 -26.93 22.87 1.75
CA TYR A 100 -27.41 23.40 0.47
C TYR A 100 -28.21 22.38 -0.32
N TYR A 101 -28.95 22.87 -1.30
CA TYR A 101 -29.55 21.97 -2.28
C TYR A 101 -29.43 22.53 -3.69
N TYR A 102 -29.62 21.65 -4.68
CA TYR A 102 -29.62 22.01 -6.09
C TYR A 102 -30.66 21.15 -6.77
N GLU A 103 -31.66 21.77 -7.38
CA GLU A 103 -32.69 21.01 -8.07
C GLU A 103 -32.27 20.67 -9.48
N SER A 104 -32.62 19.49 -9.93
CA SER A 104 -32.30 19.09 -11.30
C SER A 104 -33.19 17.98 -11.79
N ASP A 105 -33.49 18.03 -13.10
CA ASP A 105 -34.12 16.92 -13.79
C ASP A 105 -33.11 15.81 -14.12
N ASN A 106 -31.81 16.12 -14.02
CA ASN A 106 -30.74 15.20 -14.41
C ASN A 106 -30.27 14.45 -13.21
N ASP A 107 -30.47 13.14 -13.24
CA ASP A 107 -30.12 12.28 -12.14
C ASP A 107 -28.67 11.81 -12.16
N LYS A 108 -27.88 12.25 -13.13
CA LYS A 108 -26.49 11.85 -13.23
C LYS A 108 -25.60 13.06 -13.48
N GLU A 109 -25.87 14.14 -12.75
CA GLU A 109 -25.06 15.35 -12.85
C GLU A 109 -23.65 15.02 -12.38
N ARG A 110 -22.68 15.63 -13.04
CA ARG A 110 -21.33 15.68 -12.48
C ARG A 110 -20.78 17.10 -12.43
N PHE A 111 -19.86 17.29 -11.51
CA PHE A 111 -19.28 18.59 -11.22
C PHE A 111 -20.28 19.74 -11.33
N ILE A 112 -21.19 19.77 -10.36
CA ILE A 112 -22.14 20.85 -10.17
C ILE A 112 -21.29 21.96 -9.57
N ARG A 113 -21.42 23.18 -10.10
CA ARG A 113 -20.66 24.32 -9.58
C ARG A 113 -21.14 24.72 -8.18
N GLU A 114 -20.22 25.23 -7.36
CA GLU A 114 -20.59 25.78 -6.05
C GLU A 114 -21.71 26.77 -6.19
N ASN A 115 -21.64 27.63 -7.20
CA ASN A 115 -22.65 28.69 -7.30
C ASN A 115 -24.02 28.21 -7.80
N GLN A 116 -24.15 26.92 -8.10
CA GLN A 116 -25.46 26.38 -8.46
C GLN A 116 -26.24 25.96 -7.21
N PHE A 117 -25.53 25.77 -6.09
CA PHE A 117 -26.16 25.32 -4.86
C PHE A 117 -26.82 26.45 -4.11
N VAL A 118 -28.01 26.19 -3.59
CA VAL A 118 -28.82 27.19 -2.88
C VAL A 118 -28.72 26.89 -1.39
N LYS A 119 -28.36 27.90 -0.59
CA LYS A 119 -28.15 27.66 0.83
C LYS A 119 -29.49 27.46 1.55
N ILE A 120 -29.57 26.40 2.37
CA ILE A 120 -30.71 26.14 3.25
C ILE A 120 -30.49 26.79 4.60
N ASP A 121 -29.33 26.52 5.19
CA ASP A 121 -28.98 27.11 6.48
C ASP A 121 -27.56 26.82 6.88
N THR A 122 -27.07 27.59 7.85
CA THR A 122 -25.88 27.24 8.60
C THR A 122 -26.35 26.38 9.76
N ILE A 123 -25.78 25.19 9.91
CA ILE A 123 -26.19 24.25 10.94
C ILE A 123 -25.19 24.25 12.07
N ALA A 124 -25.70 24.39 13.30
CA ALA A 124 -24.89 24.39 14.50
C ALA A 124 -25.45 23.39 15.51
N ALA A 125 -24.61 22.97 16.45
CA ALA A 125 -25.13 22.26 17.62
C ALA A 125 -26.03 23.24 18.34
N ASP A 126 -27.24 22.85 18.64
CA ASP A 126 -28.14 23.78 19.28
C ASP A 126 -28.72 22.96 20.44
N GLU A 127 -29.99 23.07 20.71
CA GLU A 127 -30.51 22.50 21.97
C GLU A 127 -30.88 21.04 21.86
N SER A 128 -31.10 20.58 20.64
N SER A 128 -31.12 20.58 20.65
CA SER A 128 -31.81 19.36 20.42
CA SER A 128 -31.85 19.36 20.48
C SER A 128 -30.84 18.23 20.19
C SER A 128 -30.87 18.23 20.18
N PHE A 129 -31.06 17.12 20.88
CA PHE A 129 -30.19 15.96 20.74
C PHE A 129 -31.00 14.69 20.66
N THR A 130 -30.33 13.63 20.25
CA THR A 130 -30.93 12.31 20.25
C THR A 130 -29.88 11.34 20.81
N GLN A 131 -30.32 10.19 21.24
CA GLN A 131 -29.43 9.14 21.74
C GLN A 131 -29.62 7.92 20.87
N VAL A 132 -28.52 7.39 20.34
CA VAL A 132 -28.57 6.22 19.49
C VAL A 132 -27.77 5.11 20.19
N ASP A 133 -28.48 4.11 20.71
CA ASP A 133 -27.87 2.99 21.37
C ASP A 133 -27.29 2.04 20.32
N ILE A 134 -25.96 1.88 20.31
CA ILE A 134 -25.30 0.97 19.35
C ILE A 134 -24.65 -0.23 20.02
N GLY A 135 -24.99 -0.49 21.27
CA GLY A 135 -24.49 -1.66 22.03
C GLY A 135 -23.46 -1.20 23.05
N ASP A 136 -22.21 -1.10 22.61
CA ASP A 136 -21.11 -0.74 23.54
C ASP A 136 -21.25 0.70 24.05
N ARG A 137 -21.84 1.56 23.23
CA ARG A 137 -21.98 2.98 23.49
C ARG A 137 -23.34 3.46 23.13
N ILE A 138 -23.71 4.59 23.71
CA ILE A 138 -24.89 5.33 23.27
C ILE A 138 -24.37 6.63 22.68
N MET A 139 -24.62 6.84 21.39
CA MET A 139 -24.15 8.04 20.72
C MET A 139 -25.08 9.17 21.06
N LYS A 140 -24.55 10.23 21.68
CA LYS A 140 -25.34 11.41 21.98
C LYS A 140 -25.05 12.38 20.85
N LEU A 141 -26.05 12.62 20.03
CA LEU A 141 -25.87 13.38 18.80
C LEU A 141 -26.80 14.57 18.73
N ASN A 142 -26.33 15.67 18.18
CA ASN A 142 -27.24 16.76 17.86
C ASN A 142 -28.16 16.29 16.77
N THR A 143 -29.40 16.77 16.81
CA THR A 143 -30.37 16.44 15.79
C THR A 143 -31.03 17.75 15.32
N GLU A 144 -31.02 17.97 14.01
CA GLU A 144 -31.57 19.19 13.47
C GLU A 144 -32.41 18.84 12.28
N ILE A 145 -33.52 19.56 12.11
CA ILE A 145 -34.40 19.34 10.95
C ILE A 145 -34.66 20.68 10.27
N ARG A 146 -34.70 20.65 8.95
CA ARG A 146 -34.97 21.83 8.14
C ARG A 146 -35.91 21.43 7.02
N ASP A 147 -36.84 22.31 6.68
CA ASP A 147 -37.70 22.11 5.51
C ASP A 147 -37.14 22.88 4.33
N VAL A 148 -37.40 22.37 3.14
N VAL A 148 -37.38 22.37 3.13
CA VAL A 148 -36.98 23.00 1.89
CA VAL A 148 -36.98 23.07 1.93
C VAL A 148 -38.11 22.97 0.91
C VAL A 148 -38.08 22.97 0.90
N GLY A 149 -38.32 24.07 0.22
CA GLY A 149 -39.33 24.11 -0.80
C GLY A 149 -39.65 25.53 -1.14
N PRO A 150 -40.47 25.75 -2.18
CA PRO A 150 -41.11 24.70 -2.98
C PRO A 150 -40.21 24.20 -4.11
N LEU A 151 -40.21 22.89 -4.32
CA LEU A 151 -39.38 22.20 -5.30
C LEU A 151 -40.19 21.97 -6.57
N SER A 152 -39.52 22.00 -7.71
CA SER A 152 -40.25 21.87 -8.97
C SER A 152 -39.53 21.16 -10.11
N LYS A 153 -38.39 20.54 -9.84
CA LYS A 153 -37.71 19.68 -10.81
C LYS A 153 -37.90 18.25 -10.40
N LYS A 154 -37.45 17.30 -11.20
CA LYS A 154 -37.77 15.93 -10.92
C LYS A 154 -37.13 15.48 -9.59
N GLY A 155 -35.96 16.02 -9.30
CA GLY A 155 -35.29 15.72 -8.04
C GLY A 155 -34.30 16.81 -7.67
N PHE A 156 -33.42 16.47 -6.74
CA PHE A 156 -32.47 17.41 -6.19
C PHE A 156 -31.28 16.68 -5.58
N TYR A 157 -30.21 17.45 -5.38
CA TYR A 157 -29.01 17.02 -4.69
C TYR A 157 -28.88 17.84 -3.42
N LEU A 158 -28.45 17.21 -2.34
CA LEU A 158 -28.13 17.93 -1.12
C LEU A 158 -26.62 18.03 -1.00
N ALA A 159 -26.12 19.12 -0.43
CA ALA A 159 -24.70 19.27 -0.20
C ALA A 159 -24.41 19.85 1.15
N PHE A 160 -23.25 19.45 1.67
CA PHE A 160 -22.74 19.91 2.95
C PHE A 160 -21.38 20.53 2.71
N GLN A 161 -21.16 21.71 3.26
CA GLN A 161 -19.91 22.43 3.10
C GLN A 161 -19.29 22.63 4.46
N ASP A 162 -18.04 22.21 4.58
CA ASP A 162 -17.26 22.46 5.75
C ASP A 162 -16.30 23.58 5.45
N VAL A 163 -16.22 24.53 6.38
CA VAL A 163 -15.25 25.61 6.27
C VAL A 163 -14.27 25.68 7.43
N GLY A 164 -14.09 24.55 8.12
CA GLY A 164 -13.04 24.43 9.09
C GLY A 164 -13.49 23.96 10.46
N ALA A 165 -14.43 23.02 10.49
CA ALA A 165 -14.96 22.47 11.71
C ALA A 165 -14.46 21.04 11.88
N CYS A 166 -14.78 20.43 13.01
CA CYS A 166 -14.48 19.04 13.30
C CYS A 166 -15.82 18.35 13.46
N ILE A 167 -16.28 17.77 12.37
CA ILE A 167 -17.68 17.42 12.23
C ILE A 167 -17.82 15.94 11.80
N ALA A 168 -18.77 15.23 12.41
CA ALA A 168 -19.20 13.93 11.92
C ALA A 168 -20.72 13.95 11.63
N LEU A 169 -21.07 13.70 10.38
CA LEU A 169 -22.46 13.54 9.98
C LEU A 169 -22.77 12.07 10.10
N VAL A 170 -23.62 11.73 11.06
CA VAL A 170 -23.85 10.34 11.40
C VAL A 170 -25.04 9.76 10.64
N SER A 171 -26.10 10.57 10.44
N SER A 171 -26.07 10.58 10.42
CA SER A 171 -27.32 10.16 9.72
CA SER A 171 -27.22 10.14 9.64
C SER A 171 -27.91 11.34 8.98
C SER A 171 -27.89 11.34 8.97
N VAL A 172 -28.34 11.08 7.75
CA VAL A 172 -29.05 12.07 6.96
C VAL A 172 -30.30 11.38 6.44
N ARG A 173 -31.48 11.94 6.76
CA ARG A 173 -32.72 11.43 6.26
C ARG A 173 -33.52 12.57 5.61
N VAL A 174 -34.08 12.30 4.45
CA VAL A 174 -34.90 13.27 3.76
C VAL A 174 -36.27 12.61 3.52
N PHE A 175 -37.35 13.33 3.83
CA PHE A 175 -38.69 12.78 3.68
C PHE A 175 -39.68 13.84 3.30
N TYR A 176 -40.84 13.41 2.83
CA TYR A 176 -41.96 14.29 2.68
C TYR A 176 -43.16 13.76 3.44
N LYS A 177 -44.15 14.62 3.58
CA LYS A 177 -45.37 14.29 4.33
C LYS A 177 -46.48 14.04 3.34
N LYS A 178 -47.15 12.91 3.51
CA LYS A 178 -48.04 12.46 2.43
C LYS A 178 -49.47 12.61 2.87
N ALA A 179 -50.19 13.51 2.20
CA ALA A 179 -51.63 13.74 2.41
C ALA A 179 -52.46 12.53 1.99
N GLY B 1 46.47 -7.92 -10.99
CA GLY B 1 45.21 -8.06 -11.78
C GLY B 1 44.51 -9.38 -11.45
N PRO B 2 43.46 -9.71 -12.22
CA PRO B 2 42.72 -10.96 -12.04
C PRO B 2 43.62 -12.19 -11.89
N GLY B 3 44.76 -12.20 -12.57
CA GLY B 3 45.73 -13.30 -12.47
C GLY B 3 46.20 -13.64 -11.07
N ASN B 4 46.32 -12.63 -10.22
N ASN B 4 46.34 -12.65 -10.20
CA ASN B 4 46.78 -12.80 -8.85
CA ASN B 4 46.78 -12.94 -8.83
C ASN B 4 45.64 -12.79 -7.83
C ASN B 4 45.63 -12.84 -7.81
N GLU B 5 44.41 -12.66 -8.29
CA GLU B 5 43.25 -12.59 -7.44
C GLU B 5 42.50 -13.89 -7.50
N VAL B 6 41.95 -14.30 -6.35
CA VAL B 6 41.07 -15.41 -6.31
C VAL B 6 39.71 -14.89 -5.84
N THR B 7 38.68 -15.09 -6.66
CA THR B 7 37.34 -14.61 -6.34
C THR B 7 36.67 -15.57 -5.36
N LEU B 8 36.16 -14.99 -4.27
CA LEU B 8 35.43 -15.71 -3.25
C LEU B 8 33.90 -15.59 -3.42
N LEU B 9 33.46 -14.45 -3.93
CA LEU B 9 32.02 -14.17 -4.17
C LEU B 9 31.99 -13.15 -5.28
N ASP B 10 31.10 -13.36 -6.25
CA ASP B 10 30.84 -12.32 -7.22
C ASP B 10 29.35 -12.37 -7.57
N SER B 11 28.63 -11.36 -7.13
CA SER B 11 27.17 -11.34 -7.30
C SER B 11 26.78 -11.37 -8.78
N ARG B 12 27.67 -10.90 -9.64
CA ARG B 12 27.38 -10.85 -11.07
C ARG B 12 27.43 -12.23 -11.74
N SER B 13 28.12 -13.19 -11.12
CA SER B 13 28.31 -14.50 -11.75
C SER B 13 27.48 -15.62 -11.11
N VAL B 14 26.60 -15.26 -10.18
N VAL B 14 26.62 -15.27 -10.17
CA VAL B 14 25.72 -16.24 -9.51
CA VAL B 14 25.84 -16.30 -9.46
C VAL B 14 24.64 -16.82 -10.43
C VAL B 14 24.78 -17.00 -10.32
N GLN B 15 24.50 -18.14 -10.37
N GLN B 15 24.78 -18.33 -10.25
CA GLN B 15 23.40 -18.82 -11.03
CA GLN B 15 23.81 -19.12 -11.00
C GLN B 15 22.10 -18.72 -10.22
C GLN B 15 22.40 -18.93 -10.45
N GLY B 16 21.13 -17.96 -10.74
N GLY B 16 21.70 -17.90 -10.91
CA GLY B 16 19.84 -17.76 -10.07
CA GLY B 16 20.33 -17.62 -10.45
C GLY B 16 19.72 -16.53 -9.19
C GLY B 16 20.25 -16.81 -9.16
N GLU B 17 18.59 -16.44 -8.48
N GLU B 17 19.70 -17.46 -8.12
CA GLU B 17 18.37 -15.38 -7.50
CA GLU B 17 19.40 -16.81 -6.83
C GLU B 17 19.47 -15.47 -6.46
C GLU B 17 20.64 -16.66 -5.97
N LEU B 18 19.89 -14.33 -5.95
N LEU B 18 20.81 -15.43 -5.50
CA LEU B 18 20.94 -14.35 -4.94
CA LEU B 18 21.94 -14.99 -4.72
C LEU B 18 20.36 -15.01 -3.70
C LEU B 18 21.97 -15.84 -3.39
N GLY B 19 19.11 -14.67 -3.40
N GLY B 19 20.81 -16.06 -2.77
CA GLY B 19 18.38 -15.23 -2.30
CA GLY B 19 20.78 -16.82 -1.52
C GLY B 19 19.17 -14.96 -1.05
C GLY B 19 21.04 -15.90 -0.35
N TRP B 20 19.83 -13.81 -0.96
N TRP B 20 20.95 -14.59 -0.59
CA TRP B 20 20.59 -13.43 0.22
CA TRP B 20 21.08 -13.63 0.50
C TRP B 20 19.54 -13.21 1.27
C TRP B 20 19.80 -13.53 1.30
N ILE B 21 19.93 -13.08 2.53
CA ILE B 21 18.89 -12.99 3.56
C ILE B 21 18.69 -11.52 3.93
N ALA B 22 17.45 -11.04 3.74
CA ALA B 22 17.05 -9.69 4.14
C ALA B 22 16.24 -9.72 5.42
N SER B 23 16.51 -8.74 6.29
N SER B 23 16.50 -8.73 6.29
CA SER B 23 15.78 -8.56 7.53
CA SER B 23 15.78 -8.56 7.54
C SER B 23 15.49 -7.07 7.71
C SER B 23 15.49 -7.07 7.71
N PRO B 24 14.23 -6.65 7.53
CA PRO B 24 13.04 -7.46 7.22
C PRO B 24 13.09 -8.16 5.85
N LEU B 25 12.40 -9.29 5.77
CA LEU B 25 12.35 -10.09 4.54
C LEU B 25 11.59 -9.44 3.42
N GLU B 26 10.65 -8.56 3.74
CA GLU B 26 9.89 -7.81 2.74
C GLU B 26 9.87 -6.35 3.14
N GLY B 27 9.85 -5.47 2.16
CA GLY B 27 9.65 -4.06 2.39
C GLY B 27 10.90 -3.27 2.70
N GLY B 28 12.03 -3.95 2.89
CA GLY B 28 13.35 -3.35 3.09
C GLY B 28 14.18 -3.62 1.85
N TRP B 29 15.34 -4.25 2.03
CA TRP B 29 16.18 -4.60 0.87
C TRP B 29 15.43 -5.62 0.01
N GLU B 30 15.35 -5.35 -1.29
N GLU B 30 15.35 -5.35 -1.29
CA GLU B 30 14.68 -6.24 -2.22
CA GLU B 30 14.68 -6.23 -2.23
C GLU B 30 15.51 -6.45 -3.46
C GLU B 30 15.52 -6.44 -3.46
N GLU B 31 15.42 -7.63 -4.04
CA GLU B 31 16.12 -7.96 -5.25
C GLU B 31 15.42 -7.31 -6.43
N VAL B 32 16.21 -6.64 -7.25
CA VAL B 32 15.71 -6.01 -8.47
C VAL B 32 16.66 -6.46 -9.59
N SER B 33 16.15 -7.15 -10.61
CA SER B 33 16.94 -7.49 -11.80
C SER B 33 17.00 -6.41 -12.85
N ILE B 34 18.21 -6.12 -13.34
CA ILE B 34 18.42 -5.23 -14.48
C ILE B 34 18.93 -6.12 -15.61
N MET B 35 18.23 -6.15 -16.73
CA MET B 35 18.56 -7.11 -17.78
C MET B 35 19.65 -6.52 -18.67
N ASP B 36 20.72 -7.28 -18.88
CA ASP B 36 21.78 -6.84 -19.79
C ASP B 36 21.38 -7.15 -21.24
N GLU B 37 22.29 -6.86 -22.20
CA GLU B 37 21.97 -6.94 -23.62
C GLU B 37 21.61 -8.36 -24.08
N LYS B 38 22.14 -9.34 -23.37
CA LYS B 38 21.88 -10.76 -23.65
C LYS B 38 20.74 -11.31 -22.83
N ASN B 39 20.01 -10.43 -22.16
CA ASN B 39 18.90 -10.75 -21.28
C ASN B 39 19.35 -11.66 -20.15
N THR B 40 20.56 -11.42 -19.66
CA THR B 40 21.01 -12.02 -18.42
C THR B 40 20.77 -11.02 -17.31
N PRO B 41 20.16 -11.46 -16.20
CA PRO B 41 19.86 -10.50 -15.15
C PRO B 41 21.08 -10.07 -14.38
N ILE B 42 21.18 -8.78 -14.11
CA ILE B 42 22.10 -8.24 -13.14
C ILE B 42 21.29 -8.15 -11.84
N ARG B 43 21.69 -8.94 -10.87
CA ARG B 43 20.91 -9.10 -9.64
C ARG B 43 21.34 -8.06 -8.63
N THR B 44 20.53 -7.01 -8.52
CA THR B 44 20.84 -5.90 -7.60
C THR B 44 19.96 -6.03 -6.36
N TYR B 45 20.39 -5.37 -5.29
CA TYR B 45 19.61 -5.25 -4.11
C TYR B 45 19.40 -3.78 -3.82
N GLN B 46 18.16 -3.41 -3.53
CA GLN B 46 17.80 -2.00 -3.38
C GLN B 46 16.89 -1.75 -2.22
N VAL B 47 17.01 -0.55 -1.64
CA VAL B 47 16.06 -0.12 -0.62
C VAL B 47 15.98 1.38 -0.70
N CYS B 48 14.78 1.93 -0.47
CA CYS B 48 14.57 3.35 -0.62
C CYS B 48 13.33 3.81 0.17
N ASN B 49 13.37 3.57 1.46
CA ASN B 49 12.28 3.92 2.38
C ASN B 49 12.50 5.29 3.00
N VAL B 50 12.77 6.26 2.14
CA VAL B 50 13.18 7.58 2.60
C VAL B 50 12.00 8.36 3.21
N MET B 51 10.78 7.91 2.96
CA MET B 51 9.58 8.56 3.51
C MET B 51 9.15 8.01 4.87
N GLU B 52 9.81 6.97 5.37
N GLU B 52 9.82 6.99 5.37
CA GLU B 52 9.42 6.36 6.66
CA GLU B 52 9.41 6.36 6.62
C GLU B 52 10.52 6.52 7.68
C GLU B 52 10.52 6.50 7.68
N PRO B 53 10.15 6.80 8.94
CA PRO B 53 11.18 6.94 9.96
C PRO B 53 11.75 5.62 10.46
N SER B 54 12.87 5.71 11.18
CA SER B 54 13.43 4.59 11.95
C SER B 54 13.75 3.37 11.10
N GLN B 55 14.43 3.60 9.98
CA GLN B 55 14.84 2.50 9.13
C GLN B 55 16.04 1.79 9.73
N ASN B 56 15.99 0.46 9.66
CA ASN B 56 17.09 -0.40 10.08
C ASN B 56 17.02 -1.69 9.28
N ASN B 57 17.35 -1.59 7.99
CA ASN B 57 17.17 -2.69 7.08
C ASN B 57 18.49 -3.41 6.81
N TRP B 58 18.51 -4.70 7.06
CA TRP B 58 19.73 -5.48 6.93
C TRP B 58 19.62 -6.44 5.76
N LEU B 59 20.77 -6.69 5.15
CA LEU B 59 20.90 -7.66 4.10
C LEU B 59 22.21 -8.42 4.35
N ARG B 60 22.19 -9.73 4.30
CA ARG B 60 23.44 -10.45 4.43
C ARG B 60 23.64 -11.52 3.40
N THR B 61 24.91 -11.71 3.05
CA THR B 61 25.25 -12.73 2.09
C THR B 61 25.08 -14.09 2.69
N ASP B 62 25.17 -15.11 1.84
N ASP B 62 25.16 -15.11 1.85
CA ASP B 62 25.38 -16.45 2.32
CA ASP B 62 25.37 -16.43 2.35
C ASP B 62 26.82 -16.55 2.81
C ASP B 62 26.82 -16.56 2.81
N TRP B 63 27.17 -17.71 3.37
CA TRP B 63 28.52 -17.94 3.89
C TRP B 63 29.53 -17.92 2.73
N ILE B 64 30.64 -17.25 2.98
CA ILE B 64 31.75 -17.13 2.05
C ILE B 64 33.00 -17.80 2.65
N THR B 65 33.53 -18.81 1.98
CA THR B 65 34.81 -19.39 2.44
C THR B 65 35.95 -18.39 2.32
N ARG B 66 36.87 -18.36 3.27
CA ARG B 66 38.07 -17.52 3.07
C ARG B 66 39.26 -18.28 2.43
N GLU B 67 39.09 -19.59 2.21
N GLU B 67 39.12 -19.59 2.22
CA GLU B 67 40.14 -20.41 1.68
CA GLU B 67 40.21 -20.39 1.63
C GLU B 67 41.29 -20.25 2.67
C GLU B 67 41.62 -20.11 2.17
N GLY B 68 42.50 -19.96 2.22
N GLY B 68 41.81 -20.03 3.48
CA GLY B 68 43.59 -19.76 3.13
CA GLY B 68 43.15 -19.73 3.99
C GLY B 68 43.85 -18.34 3.56
C GLY B 68 43.72 -18.33 3.80
N ALA B 69 42.95 -17.41 3.20
CA ALA B 69 43.33 -15.99 3.13
C ALA B 69 43.07 -15.40 4.50
N GLN B 70 43.90 -14.53 5.04
CA GLN B 70 43.50 -13.72 6.24
C GLN B 70 42.96 -12.35 5.90
N ARG B 71 43.28 -11.86 4.71
N ARG B 71 43.28 -11.86 4.71
CA ARG B 71 42.88 -10.51 4.30
CA ARG B 71 42.85 -10.52 4.29
C ARG B 71 42.11 -10.64 2.99
C ARG B 71 42.10 -10.67 3.00
N VAL B 72 40.89 -10.10 2.98
CA VAL B 72 40.06 -10.17 1.78
C VAL B 72 39.68 -8.75 1.41
N TYR B 73 39.20 -8.60 0.18
CA TYR B 73 38.93 -7.30 -0.43
C TYR B 73 37.54 -7.35 -0.94
N ILE B 74 36.79 -6.31 -0.63
CA ILE B 74 35.39 -6.22 -0.98
C ILE B 74 35.22 -5.02 -1.92
N GLU B 75 34.71 -5.29 -3.12
CA GLU B 75 34.51 -4.24 -4.14
C GLU B 75 33.01 -4.12 -4.40
N ILE B 76 32.48 -2.92 -4.22
CA ILE B 76 31.04 -2.72 -4.37
C ILE B 76 30.82 -1.63 -5.41
N LYS B 77 29.95 -1.93 -6.36
N LYS B 77 29.95 -1.93 -6.36
CA LYS B 77 29.48 -0.96 -7.33
CA LYS B 77 29.49 -0.96 -7.33
C LYS B 77 28.04 -0.63 -6.96
C LYS B 77 28.03 -0.63 -6.98
N PHE B 78 27.75 0.65 -6.82
CA PHE B 78 26.47 1.08 -6.29
C PHE B 78 26.11 2.47 -6.77
N THR B 79 24.85 2.82 -6.57
CA THR B 79 24.40 4.16 -6.82
C THR B 79 23.35 4.54 -5.78
N LEU B 80 23.35 5.83 -5.44
CA LEU B 80 22.40 6.40 -4.49
C LEU B 80 21.68 7.51 -5.16
N ARG B 81 20.46 7.73 -4.73
CA ARG B 81 19.73 8.91 -5.13
C ARG B 81 19.96 9.97 -4.03
N ASP B 82 20.46 11.15 -4.39
CA ASP B 82 20.76 12.21 -3.41
C ASP B 82 19.46 12.68 -2.77
N CYS B 83 19.52 12.97 -1.48
CA CYS B 83 18.34 13.38 -0.73
C CYS B 83 17.77 14.68 -1.33
N ASN B 84 18.64 15.55 -1.82
CA ASN B 84 18.18 16.83 -2.33
C ASN B 84 17.51 16.68 -3.71
N SER B 85 17.54 15.47 -4.28
CA SER B 85 16.83 15.19 -5.51
C SER B 85 15.46 14.54 -5.28
N LEU B 86 15.14 14.23 -4.02
CA LEU B 86 13.92 13.55 -3.68
C LEU B 86 12.95 14.48 -3.00
N PRO B 87 11.90 14.91 -3.70
CA PRO B 87 10.98 15.81 -3.04
C PRO B 87 10.23 15.16 -1.90
N GLY B 88 9.94 15.98 -0.91
CA GLY B 88 9.26 15.62 0.27
C GLY B 88 10.18 16.12 1.36
N VAL B 89 9.59 16.49 2.48
CA VAL B 89 10.40 16.78 3.64
C VAL B 89 10.87 15.39 4.12
N MET B 90 12.19 15.19 4.19
N MET B 90 12.17 15.20 4.25
CA MET B 90 12.78 13.93 4.65
CA MET B 90 12.71 13.91 4.66
C MET B 90 13.88 14.23 5.65
C MET B 90 13.85 14.17 5.63
N GLY B 91 13.44 14.54 6.86
CA GLY B 91 14.35 14.86 7.95
C GLY B 91 15.37 13.81 8.27
N THR B 92 15.08 12.54 7.99
CA THR B 92 16.03 11.51 8.31
C THR B 92 16.69 10.88 7.08
N CYS B 93 16.54 11.45 5.88
CA CYS B 93 17.19 10.90 4.67
C CYS B 93 18.72 10.82 4.76
N LYS B 94 19.28 9.71 4.33
CA LYS B 94 20.72 9.46 4.42
C LYS B 94 21.28 9.17 3.04
N GLU B 95 22.60 9.34 2.88
CA GLU B 95 23.26 9.06 1.61
C GLU B 95 24.48 8.15 1.83
N THR B 96 24.37 7.28 2.82
CA THR B 96 25.40 6.29 3.08
C THR B 96 24.72 4.96 3.42
N PHE B 97 25.52 3.90 3.50
CA PHE B 97 25.07 2.62 4.07
C PHE B 97 26.26 2.05 4.86
N ASN B 98 25.99 1.13 5.77
CA ASN B 98 27.04 0.52 6.58
C ASN B 98 27.35 -0.90 6.13
N LEU B 99 28.64 -1.24 6.15
CA LEU B 99 29.15 -2.54 5.73
C LEU B 99 29.76 -3.26 6.91
N TYR B 100 29.44 -4.54 7.07
CA TYR B 100 29.83 -5.35 8.22
C TYR B 100 30.24 -6.72 7.78
N TYR B 101 30.93 -7.43 8.67
CA TYR B 101 31.16 -8.87 8.48
C TYR B 101 30.99 -9.64 9.79
N TYR B 102 30.83 -10.96 9.68
CA TYR B 102 30.74 -11.87 10.82
C TYR B 102 31.46 -13.13 10.42
N GLU B 103 32.47 -13.50 11.17
CA GLU B 103 33.19 -14.75 10.90
C GLU B 103 32.56 -15.96 11.53
N SER B 104 32.55 -17.07 10.81
CA SER B 104 31.98 -18.29 11.35
C SER B 104 32.53 -19.53 10.70
N ASP B 105 32.67 -20.59 11.50
CA ASP B 105 32.92 -21.92 10.99
C ASP B 105 31.65 -22.58 10.45
N ASN B 106 30.49 -22.01 10.75
CA ASN B 106 29.20 -22.57 10.32
C ASN B 106 28.73 -21.95 9.03
N ASP B 107 28.63 -22.78 8.00
CA ASP B 107 28.23 -22.33 6.69
C ASP B 107 26.73 -22.28 6.47
N LYS B 108 25.95 -22.58 7.49
CA LYS B 108 24.50 -22.54 7.37
C LYS B 108 23.92 -21.86 8.58
N GLU B 109 24.49 -20.71 8.96
CA GLU B 109 23.94 -19.92 10.05
C GLU B 109 22.52 -19.55 9.69
N ARG B 110 21.61 -19.76 10.61
CA ARG B 110 20.20 -19.59 10.31
C ARG B 110 19.88 -18.15 10.65
N PHE B 111 20.46 -17.69 11.75
CA PHE B 111 20.18 -16.35 12.20
C PHE B 111 21.41 -15.76 12.86
N ILE B 112 21.82 -14.58 12.41
CA ILE B 112 22.85 -13.85 13.08
C ILE B 112 22.35 -12.52 13.66
N ARG B 113 22.63 -12.30 14.94
CA ARG B 113 22.17 -11.08 15.62
C ARG B 113 22.89 -9.87 15.09
N GLU B 114 22.22 -8.72 15.12
CA GLU B 114 22.87 -7.46 14.75
C GLU B 114 24.17 -7.30 15.51
N ASN B 115 24.16 -7.61 16.80
CA ASN B 115 25.35 -7.35 17.60
C ASN B 115 26.49 -8.33 17.36
N GLN B 116 26.30 -9.32 16.50
CA GLN B 116 27.38 -10.21 16.15
C GLN B 116 28.20 -9.63 14.99
N PHE B 117 27.64 -8.66 14.26
CA PHE B 117 28.32 -8.13 13.06
C PHE B 117 29.32 -7.08 13.47
N VAL B 118 30.47 -7.10 12.81
CA VAL B 118 31.58 -6.21 13.07
C VAL B 118 31.65 -5.17 11.94
N LYS B 119 31.67 -3.88 12.28
CA LYS B 119 31.60 -2.84 11.25
C LYS B 119 32.93 -2.72 10.50
N ILE B 120 32.84 -2.67 9.17
CA ILE B 120 33.98 -2.41 8.28
C ILE B 120 34.07 -0.91 8.03
N ASP B 121 32.99 -0.33 7.58
CA ASP B 121 32.97 1.12 7.28
C ASP B 121 31.57 1.60 7.01
N THR B 122 31.42 2.91 7.02
CA THR B 122 30.28 3.57 6.41
C THR B 122 30.66 3.88 5.00
N ILE B 123 29.85 3.45 4.03
CA ILE B 123 30.17 3.62 2.59
C ILE B 123 29.35 4.77 2.05
N ALA B 124 30.02 5.69 1.36
CA ALA B 124 29.38 6.84 0.72
C ALA B 124 29.81 6.94 -0.74
N ALA B 125 29.02 7.64 -1.55
CA ALA B 125 29.50 8.02 -2.89
C ALA B 125 30.70 8.92 -2.65
N ASP B 126 31.82 8.64 -3.28
CA ASP B 126 33.01 9.43 -3.05
C ASP B 126 33.53 9.73 -4.48
N GLU B 127 34.83 9.68 -4.70
CA GLU B 127 35.40 10.19 -5.94
C GLU B 127 35.37 9.18 -7.10
N SER B 128 35.26 7.91 -6.74
N SER B 128 35.27 7.91 -6.74
CA SER B 128 35.61 6.87 -7.67
CA SER B 128 35.59 6.86 -7.66
C SER B 128 34.37 6.32 -8.32
C SER B 128 34.35 6.33 -8.32
N PHE B 129 34.39 6.21 -9.64
CA PHE B 129 33.28 5.67 -10.39
C PHE B 129 33.73 4.67 -11.42
N THR B 130 32.76 3.91 -11.92
CA THR B 130 32.98 2.99 -13.02
C THR B 130 31.81 3.11 -13.99
N GLN B 131 32.01 2.61 -15.21
CA GLN B 131 30.94 2.59 -16.20
C GLN B 131 30.71 1.16 -16.62
N VAL B 132 29.47 0.72 -16.58
CA VAL B 132 29.13 -0.66 -16.95
C VAL B 132 28.19 -0.59 -18.15
N ASP B 133 28.70 -0.96 -19.33
CA ASP B 133 27.91 -0.93 -20.55
C ASP B 133 27.02 -2.18 -20.57
N ILE B 134 25.70 -1.97 -20.53
CA ILE B 134 24.75 -3.08 -20.56
C ILE B 134 23.89 -3.11 -21.84
N GLY B 135 24.30 -2.38 -22.89
CA GLY B 135 23.64 -2.37 -24.18
C GLY B 135 22.86 -1.08 -24.34
N ASP B 136 21.61 -1.09 -23.88
CA ASP B 136 20.71 0.10 -24.00
C ASP B 136 21.22 1.30 -23.20
N ARG B 137 21.93 1.02 -22.11
CA ARG B 137 22.43 2.05 -21.19
C ARG B 137 23.84 1.73 -20.75
N ILE B 138 24.53 2.76 -20.27
CA ILE B 138 25.81 2.58 -19.58
C ILE B 138 25.56 3.03 -18.16
N MET B 139 25.68 2.11 -17.23
CA MET B 139 25.46 2.44 -15.81
C MET B 139 26.68 3.16 -15.28
N LYS B 140 26.51 4.39 -14.78
CA LYS B 140 27.60 5.11 -14.15
C LYS B 140 27.43 4.92 -12.65
N LEU B 141 28.35 4.20 -12.06
CA LEU B 141 28.20 3.73 -10.68
C LEU B 141 29.38 4.17 -9.84
N ASN B 142 29.13 4.44 -8.57
CA ASN B 142 30.24 4.56 -7.63
C ASN B 142 30.87 3.20 -7.45
N THR B 143 32.19 3.20 -7.26
CA THR B 143 32.90 1.98 -6.98
C THR B 143 33.75 2.21 -5.73
N GLU B 144 33.62 1.32 -4.75
CA GLU B 144 34.40 1.44 -3.53
C GLU B 144 34.98 0.09 -3.18
N ILE B 145 36.18 0.09 -2.62
CA ILE B 145 36.83 -1.16 -2.22
C ILE B 145 37.29 -0.99 -0.76
N ARG B 146 37.16 -2.05 0.03
CA ARG B 146 37.64 -2.06 1.39
C ARG B 146 38.28 -3.41 1.66
N ASP B 147 39.33 -3.39 2.46
CA ASP B 147 39.92 -4.66 2.91
C ASP B 147 39.41 -5.01 4.30
N VAL B 148 39.43 -6.30 4.62
N VAL B 148 39.42 -6.29 4.62
CA VAL B 148 39.01 -6.81 5.92
CA VAL B 148 39.01 -6.73 5.96
C VAL B 148 39.95 -7.87 6.37
C VAL B 148 39.91 -7.87 6.38
N GLY B 149 40.31 -7.83 7.64
CA GLY B 149 41.15 -8.86 8.18
C GLY B 149 41.68 -8.40 9.51
N PRO B 150 42.41 -9.26 10.21
CA PRO B 150 42.72 -10.63 9.78
C PRO B 150 41.58 -11.59 10.12
N LEU B 151 41.30 -12.50 9.19
CA LEU B 151 40.23 -13.49 9.36
C LEU B 151 40.81 -14.80 9.83
N SER B 152 40.03 -15.54 10.62
CA SER B 152 40.58 -16.80 11.17
C SER B 152 39.58 -17.92 11.40
N LYS B 153 38.35 -17.78 10.93
CA LYS B 153 37.37 -18.88 10.95
C LYS B 153 37.31 -19.43 9.56
N LYS B 154 36.56 -20.49 9.34
CA LYS B 154 36.58 -21.12 8.03
C LYS B 154 36.02 -20.18 6.95
N GLY B 155 35.04 -19.36 7.32
CA GLY B 155 34.51 -18.36 6.38
C GLY B 155 33.85 -17.20 7.12
N PHE B 156 33.03 -16.47 6.38
CA PHE B 156 32.41 -15.28 6.91
C PHE B 156 31.19 -14.90 6.11
N TYR B 157 30.38 -14.02 6.71
CA TYR B 157 29.23 -13.42 6.09
C TYR B 157 29.45 -11.94 6.00
N LEU B 158 29.00 -11.34 4.90
CA LEU B 158 28.99 -9.89 4.78
C LEU B 158 27.58 -9.37 4.95
N ALA B 159 27.44 -8.19 5.54
CA ALA B 159 26.13 -7.55 5.69
C ALA B 159 26.15 -6.09 5.36
N PHE B 160 25.01 -5.62 4.91
CA PHE B 160 24.79 -4.24 4.52
C PHE B 160 23.61 -3.74 5.31
N GLN B 161 23.79 -2.57 5.95
CA GLN B 161 22.71 -1.99 6.75
C GLN B 161 22.31 -0.66 6.17
N ASP B 162 21.02 -0.50 5.93
CA ASP B 162 20.45 0.77 5.51
C ASP B 162 19.69 1.41 6.67
N VAL B 163 19.92 2.71 6.87
CA VAL B 163 19.25 3.46 7.93
C VAL B 163 18.44 4.63 7.37
N GLY B 164 18.11 4.56 6.08
CA GLY B 164 17.20 5.50 5.48
C GLY B 164 17.71 6.21 4.25
N ALA B 165 18.38 5.47 3.39
CA ALA B 165 18.95 6.01 2.13
C ALA B 165 18.15 5.45 0.98
N CYS B 166 18.48 5.92 -0.22
CA CYS B 166 17.92 5.39 -1.45
C CYS B 166 19.06 4.81 -2.24
N ILE B 167 19.25 3.51 -2.08
CA ILE B 167 20.49 2.84 -2.44
C ILE B 167 20.24 1.62 -3.33
N ALA B 168 21.05 1.47 -4.39
CA ALA B 168 21.08 0.25 -5.16
C ALA B 168 22.49 -0.31 -5.13
N LEU B 169 22.63 -1.52 -4.60
CA LEU B 169 23.86 -2.29 -4.70
C LEU B 169 23.82 -3.09 -5.96
N VAL B 170 24.64 -2.71 -6.93
CA VAL B 170 24.58 -3.29 -8.26
C VAL B 170 25.49 -4.52 -8.40
N SER B 171 26.66 -4.50 -7.77
N SER B 171 26.63 -4.51 -7.76
CA SER B 171 27.64 -5.61 -7.83
CA SER B 171 27.48 -5.70 -7.76
C SER B 171 28.39 -5.67 -6.51
C SER B 171 28.35 -5.68 -6.50
N VAL B 172 28.62 -6.88 -6.03
CA VAL B 172 29.46 -7.11 -4.87
C VAL B 172 30.40 -8.21 -5.27
N ARG B 173 31.69 -7.92 -5.15
CA ARG B 173 32.73 -8.94 -5.39
C ARG B 173 33.68 -8.99 -4.19
N VAL B 174 34.01 -10.21 -3.76
CA VAL B 174 34.95 -10.38 -2.67
C VAL B 174 36.08 -11.25 -3.21
N PHE B 175 37.34 -10.88 -2.94
CA PHE B 175 38.47 -11.64 -3.41
C PHE B 175 39.64 -11.57 -2.48
N TYR B 176 40.59 -12.48 -2.67
CA TYR B 176 41.86 -12.36 -1.99
C TYR B 176 43.01 -12.40 -3.00
N LYS B 177 44.18 -12.02 -2.52
CA LYS B 177 45.36 -11.95 -3.35
C LYS B 177 46.25 -13.16 -3.05
N LYS B 178 46.61 -13.87 -4.09
CA LYS B 178 47.24 -15.16 -3.88
C LYS B 178 48.71 -15.10 -4.17
N ALA B 179 49.54 -15.30 -3.14
CA ALA B 179 51.01 -15.40 -3.26
C ALA B 179 51.42 -16.58 -4.14
N GLY C 1 -19.07 -15.33 33.30
CA GLY C 1 -18.12 -16.47 33.23
C GLY C 1 -17.95 -16.97 31.80
N PRO C 2 -17.23 -18.08 31.62
CA PRO C 2 -16.99 -18.67 30.30
C PRO C 2 -18.25 -18.76 29.45
N GLY C 3 -19.40 -19.01 30.08
CA GLY C 3 -20.68 -19.08 29.38
C GLY C 3 -21.04 -17.86 28.56
N ASN C 4 -20.65 -16.67 29.03
CA ASN C 4 -20.92 -15.42 28.35
C ASN C 4 -19.75 -14.94 27.48
N GLU C 5 -18.64 -15.65 27.50
CA GLU C 5 -17.41 -15.25 26.78
C GLU C 5 -17.20 -16.07 25.53
N VAL C 6 -16.69 -15.43 24.48
CA VAL C 6 -16.29 -16.09 23.28
C VAL C 6 -14.79 -15.85 23.13
N THR C 7 -14.01 -16.93 23.08
CA THR C 7 -12.57 -16.83 22.97
C THR C 7 -12.17 -16.56 21.54
N LEU C 8 -11.30 -15.56 21.36
CA LEU C 8 -10.72 -15.19 20.09
C LEU C 8 -9.28 -15.69 19.90
N LEU C 9 -8.57 -15.83 21.02
CA LEU C 9 -7.22 -16.36 21.04
C LEU C 9 -6.95 -16.91 22.43
N ASP C 10 -6.33 -18.09 22.51
CA ASP C 10 -5.87 -18.59 23.81
C ASP C 10 -4.58 -19.37 23.64
N SER C 11 -3.49 -18.78 24.07
CA SER C 11 -2.20 -19.39 23.87
C SER C 11 -2.08 -20.73 24.57
N ARG C 12 -2.85 -20.97 25.62
CA ARG C 12 -2.76 -22.26 26.36
C ARG C 12 -3.43 -23.42 25.64
N SER C 13 -4.29 -23.13 24.67
CA SER C 13 -5.03 -24.20 23.98
C SER C 13 -4.48 -24.48 22.58
N VAL C 14 -3.40 -23.81 22.21
CA VAL C 14 -2.76 -24.08 20.92
C VAL C 14 -2.00 -25.41 20.97
N GLN C 15 -2.17 -26.26 19.95
CA GLN C 15 -1.37 -27.49 19.79
C GLN C 15 -0.08 -27.20 19.03
N GLY C 16 1.06 -27.57 19.59
CA GLY C 16 2.35 -27.31 18.96
C GLY C 16 2.83 -25.90 19.25
N GLU C 17 3.91 -25.50 18.61
CA GLU C 17 4.50 -24.17 18.82
C GLU C 17 3.53 -23.05 18.48
N LEU C 18 3.62 -21.94 19.20
CA LEU C 18 2.79 -20.77 18.90
C LEU C 18 3.10 -20.16 17.55
N GLY C 19 4.39 -20.09 17.25
CA GLY C 19 4.86 -19.58 15.99
C GLY C 19 4.40 -18.15 15.71
N TRP C 20 4.30 -17.35 16.76
CA TRP C 20 4.01 -15.92 16.60
C TRP C 20 5.24 -15.26 15.94
N ILE C 21 5.13 -14.01 15.50
CA ILE C 21 6.17 -13.41 14.71
C ILE C 21 7.01 -12.49 15.59
N ALA C 22 8.30 -12.82 15.74
CA ALA C 22 9.21 -12.05 16.56
C ALA C 22 10.13 -11.20 15.66
N SER C 23 10.41 -9.98 16.11
CA SER C 23 11.35 -9.09 15.44
C SER C 23 12.21 -8.44 16.53
N PRO C 24 13.48 -8.83 16.69
CA PRO C 24 14.23 -9.76 15.82
C PRO C 24 13.76 -11.21 15.92
N LEU C 25 14.00 -11.97 14.85
CA LEU C 25 13.49 -13.34 14.74
C LEU C 25 14.03 -14.25 15.81
N GLU C 26 15.26 -14.02 16.20
CA GLU C 26 15.87 -14.77 17.28
C GLU C 26 16.66 -13.82 18.12
N GLY C 27 16.97 -14.27 19.32
CA GLY C 27 17.82 -13.52 20.26
C GLY C 27 17.05 -12.50 21.07
N GLY C 28 15.79 -12.27 20.69
CA GLY C 28 14.87 -11.42 21.42
C GLY C 28 13.81 -12.28 22.09
N TRP C 29 12.54 -12.03 21.79
CA TRP C 29 11.49 -12.92 22.27
C TRP C 29 11.65 -14.33 21.69
N GLU C 30 11.68 -15.33 22.58
N GLU C 30 11.69 -15.32 22.58
CA GLU C 30 11.83 -16.73 22.18
CA GLU C 30 11.86 -16.72 22.19
C GLU C 30 10.85 -17.62 22.91
C GLU C 30 10.85 -17.62 22.91
N GLU C 31 10.43 -18.68 22.22
CA GLU C 31 9.51 -19.66 22.78
C GLU C 31 10.25 -20.54 23.78
N VAL C 32 9.67 -20.69 24.97
CA VAL C 32 10.19 -21.57 26.02
C VAL C 32 9.03 -22.42 26.52
N SER C 33 9.17 -23.74 26.42
CA SER C 33 8.16 -24.64 26.99
C SER C 33 8.42 -24.93 28.44
N ILE C 34 7.35 -24.85 29.26
CA ILE C 34 7.37 -25.36 30.62
C ILE C 34 6.44 -26.57 30.69
N MET C 35 6.97 -27.73 31.09
CA MET C 35 6.15 -28.97 31.04
C MET C 35 5.29 -29.10 32.25
N ASP C 36 3.99 -29.33 32.03
CA ASP C 36 3.05 -29.56 33.14
C ASP C 36 3.03 -31.00 33.62
N ASN C 39 3.08 -33.58 31.52
CA ASN C 39 4.07 -33.46 30.43
C ASN C 39 3.56 -32.85 29.12
N THR C 40 2.55 -32.00 29.25
CA THR C 40 2.06 -31.18 28.16
C THR C 40 2.75 -29.83 28.26
N PRO C 41 3.31 -29.34 27.14
CA PRO C 41 4.00 -28.06 27.24
C PRO C 41 3.08 -26.88 27.46
N ILE C 42 3.50 -25.98 28.36
CA ILE C 42 2.93 -24.66 28.46
C ILE C 42 3.84 -23.77 27.62
N ARG C 43 3.27 -23.17 26.59
CA ARG C 43 4.04 -22.44 25.61
C ARG C 43 4.17 -21.00 26.02
N THR C 44 5.36 -20.63 26.46
CA THR C 44 5.64 -19.28 26.93
C THR C 44 6.53 -18.55 25.92
N TYR C 45 6.52 -17.22 26.00
CA TYR C 45 7.47 -16.38 25.31
C TYR C 45 8.26 -15.60 26.32
N GLN C 46 9.57 -15.54 26.16
CA GLN C 46 10.46 -14.90 27.12
C GLN C 46 11.53 -14.08 26.43
N VAL C 47 11.96 -13.04 27.11
CA VAL C 47 13.12 -12.27 26.67
C VAL C 47 13.76 -11.70 27.92
N CYS C 48 15.09 -11.62 27.89
CA CYS C 48 15.82 -11.16 29.07
C CYS C 48 17.22 -10.71 28.70
N ASN C 49 17.28 -9.70 27.84
CA ASN C 49 18.55 -9.12 27.39
C ASN C 49 18.94 -7.90 28.24
N VAL C 50 18.91 -8.08 29.55
CA VAL C 50 19.07 -7.00 30.50
C VAL C 50 20.49 -6.51 30.55
N MET C 51 21.43 -7.31 30.03
CA MET C 51 22.86 -6.87 29.97
C MET C 51 23.24 -6.09 28.71
N GLU C 52 22.32 -5.95 27.75
CA GLU C 52 22.65 -5.34 26.45
C GLU C 52 21.86 -4.06 26.26
N PRO C 53 22.48 -3.00 25.68
CA PRO C 53 21.77 -1.74 25.51
C PRO C 53 20.80 -1.73 24.36
N SER C 54 19.93 -0.72 24.36
CA SER C 54 19.07 -0.38 23.21
C SER C 54 18.18 -1.53 22.79
N GLN C 55 17.51 -2.17 23.75
CA GLN C 55 16.59 -3.25 23.42
C GLN C 55 15.29 -2.73 22.87
N ASN C 56 14.83 -3.39 21.84
CA ASN C 56 13.57 -3.07 21.21
C ASN C 56 13.07 -4.34 20.54
N ASN C 57 12.64 -5.28 21.37
CA ASN C 57 12.23 -6.58 20.90
C ASN C 57 10.71 -6.67 20.79
N TRP C 58 10.22 -7.01 19.60
CA TRP C 58 8.80 -7.09 19.35
C TRP C 58 8.35 -8.51 19.08
N LEU C 59 7.10 -8.76 19.48
CA LEU C 59 6.46 -10.05 19.29
C LEU C 59 5.02 -9.75 18.90
N ARG C 60 4.53 -10.33 17.83
CA ARG C 60 3.14 -10.12 17.46
C ARG C 60 2.42 -11.40 17.16
N THR C 61 1.14 -11.41 17.48
CA THR C 61 0.31 -12.54 17.14
C THR C 61 0.07 -12.58 15.66
N ASP C 62 -0.50 -13.66 15.17
CA ASP C 62 -1.10 -13.63 13.85
C ASP C 62 -2.46 -12.84 13.94
N TRP C 63 -3.11 -12.65 12.79
CA TRP C 63 -4.36 -11.89 12.74
C TRP C 63 -5.42 -12.60 13.58
N ILE C 64 -6.12 -11.83 14.41
CA ILE C 64 -7.19 -12.29 15.27
C ILE C 64 -8.49 -11.67 14.70
N THR C 65 -9.39 -12.52 14.23
CA THR C 65 -10.76 -12.00 13.85
C THR C 65 -11.46 -11.42 15.10
N ARG C 66 -12.15 -10.28 14.93
CA ARG C 66 -12.96 -9.80 16.05
C ARG C 66 -14.38 -10.38 16.07
N GLU C 67 -14.73 -11.15 15.04
N GLU C 67 -14.76 -11.14 15.04
CA GLU C 67 -16.06 -11.68 14.89
CA GLU C 67 -16.11 -11.71 14.95
C GLU C 67 -16.92 -10.43 14.86
C GLU C 67 -17.25 -10.77 15.32
N GLY C 68 -17.98 -10.41 15.62
N GLY C 68 -17.25 -9.54 14.85
CA GLY C 68 -18.84 -9.26 15.65
CA GLY C 68 -18.35 -8.64 15.20
C GLY C 68 -18.52 -8.24 16.73
C GLY C 68 -18.39 -8.08 16.62
N ALA C 69 -17.42 -8.42 17.45
CA ALA C 69 -17.30 -7.78 18.77
C ALA C 69 -16.95 -6.33 18.65
N GLN C 70 -17.52 -5.52 19.54
CA GLN C 70 -17.21 -4.11 19.62
C GLN C 70 -16.12 -3.80 20.65
N ARG C 71 -15.89 -4.70 21.59
CA ARG C 71 -14.88 -4.51 22.62
C ARG C 71 -14.32 -5.89 22.91
N VAL C 72 -13.01 -5.97 23.12
CA VAL C 72 -12.39 -7.21 23.46
C VAL C 72 -11.61 -7.05 24.73
N TYR C 73 -11.23 -8.18 25.31
CA TYR C 73 -10.61 -8.22 26.62
C TYR C 73 -9.40 -9.10 26.50
N ILE C 74 -8.28 -8.62 27.01
CA ILE C 74 -6.99 -9.29 26.85
C ILE C 74 -6.48 -9.61 28.26
N GLU C 75 -6.29 -10.89 28.53
CA GLU C 75 -5.83 -11.34 29.83
C GLU C 75 -4.44 -11.97 29.67
N ILE C 76 -3.48 -11.46 30.44
CA ILE C 76 -2.11 -11.97 30.35
C ILE C 76 -1.63 -12.44 31.71
N LYS C 77 -1.06 -13.64 31.75
CA LYS C 77 -0.35 -14.15 32.93
C LYS C 77 1.14 -14.09 32.63
N PHE C 78 1.90 -13.52 33.55
CA PHE C 78 3.31 -13.27 33.29
C PHE C 78 4.09 -13.15 34.58
N THR C 79 5.42 -13.22 34.44
CA THR C 79 6.29 -12.97 35.57
C THR C 79 7.51 -12.21 35.06
N LEU C 80 8.04 -11.37 35.93
CA LEU C 80 9.26 -10.64 35.68
C LEU C 80 10.28 -10.91 36.77
N ARG C 81 11.53 -10.81 36.40
CA ARG C 81 12.60 -10.87 37.37
C ARG C 81 12.90 -9.40 37.75
N ASP C 82 12.88 -9.07 39.05
CA ASP C 82 13.19 -7.68 39.50
C ASP C 82 14.63 -7.31 39.16
N CYS C 83 14.83 -6.08 38.73
CA CYS C 83 16.14 -5.60 38.34
C CYS C 83 17.12 -5.63 39.51
N ASN C 84 16.62 -5.39 40.71
CA ASN C 84 17.50 -5.40 41.87
C ASN C 84 17.94 -6.82 42.28
N SER C 85 17.37 -7.85 41.65
CA SER C 85 17.80 -9.23 41.88
C SER C 85 18.85 -9.70 40.86
N LEU C 86 19.12 -8.86 39.86
CA LEU C 86 20.02 -9.20 38.77
C LEU C 86 21.32 -8.41 38.89
N PRO C 87 22.38 -9.07 39.32
CA PRO C 87 23.63 -8.31 39.46
C PRO C 87 24.21 -7.87 38.13
N GLY C 88 24.83 -6.70 38.16
CA GLY C 88 25.47 -6.08 37.03
C GLY C 88 24.73 -4.79 36.75
N GLY C 91 22.13 -0.06 34.28
CA GLY C 91 21.35 1.17 34.46
C GLY C 91 20.02 1.26 33.72
N THR C 92 19.87 0.49 32.66
CA THR C 92 18.65 0.57 31.87
C THR C 92 17.75 -0.65 31.98
N CYS C 93 17.97 -1.52 32.97
CA CYS C 93 17.01 -2.60 33.27
C CYS C 93 15.60 -2.06 33.56
N LYS C 94 14.59 -2.72 33.01
CA LYS C 94 13.20 -2.31 33.17
C LYS C 94 12.40 -3.44 33.79
N GLU C 95 11.23 -3.11 34.34
CA GLU C 95 10.34 -4.10 34.94
C GLU C 95 8.92 -3.97 34.41
N THR C 96 8.83 -3.56 33.15
CA THR C 96 7.53 -3.45 32.47
C THR C 96 7.71 -3.95 31.02
N PHE C 97 6.61 -4.13 30.33
CA PHE C 97 6.61 -4.32 28.89
C PHE C 97 5.41 -3.55 28.34
N ASN C 98 5.41 -3.31 27.05
CA ASN C 98 4.34 -2.55 26.43
C ASN C 98 3.46 -3.46 25.60
N LEU C 99 2.17 -3.19 25.65
CA LEU C 99 1.16 -3.94 24.92
C LEU C 99 0.49 -3.07 23.90
N TYR C 100 0.32 -3.56 22.70
CA TYR C 100 -0.21 -2.80 21.56
C TYR C 100 -1.21 -3.63 20.75
N TYR C 101 -1.99 -2.94 19.92
CA TYR C 101 -2.77 -3.61 18.90
C TYR C 101 -2.77 -2.81 17.59
N TYR C 102 -3.09 -3.48 16.50
CA TYR C 102 -3.18 -2.88 15.18
C TYR C 102 -4.38 -3.49 14.52
N GLU C 103 -5.39 -2.67 14.20
CA GLU C 103 -6.57 -3.19 13.51
C GLU C 103 -6.33 -3.24 12.01
N SER C 104 -6.80 -4.31 11.37
CA SER C 104 -6.64 -4.42 9.94
C SER C 104 -7.68 -5.35 9.34
N ASP C 105 -8.15 -4.99 8.13
CA ASP C 105 -8.93 -5.89 7.31
C ASP C 105 -8.06 -6.96 6.68
N ASN C 106 -6.74 -6.77 6.66
CA ASN C 106 -5.82 -7.68 6.00
C ASN C 106 -5.33 -8.71 7.00
N ASP C 107 -5.68 -9.97 6.74
CA ASP C 107 -5.33 -11.06 7.61
C ASP C 107 -3.96 -11.67 7.34
N LYS C 108 -3.23 -11.09 6.39
CA LYS C 108 -1.89 -11.59 6.06
C LYS C 108 -0.91 -10.45 5.98
N GLU C 109 -0.99 -9.51 6.93
CA GLU C 109 -0.02 -8.44 7.02
C GLU C 109 1.35 -8.98 7.39
N ARG C 110 2.38 -8.42 6.78
CA ARG C 110 3.74 -8.68 7.21
C ARG C 110 4.53 -7.40 7.43
N PHE C 111 5.52 -7.51 8.30
CA PHE C 111 6.32 -6.37 8.74
C PHE C 111 5.53 -5.08 8.90
N ILE C 112 4.66 -5.12 9.90
CA ILE C 112 3.83 -4.01 10.28
C ILE C 112 4.80 -3.05 10.95
N ARG C 113 4.74 -1.77 10.59
CA ARG C 113 5.66 -0.80 11.14
C ARG C 113 5.35 -0.53 12.61
N GLU C 114 6.40 -0.23 13.38
CA GLU C 114 6.20 0.14 14.78
C GLU C 114 5.17 1.21 14.93
N ASN C 115 5.20 2.21 14.06
CA ASN C 115 4.28 3.35 14.18
C ASN C 115 2.85 3.07 13.74
N GLN C 116 2.56 1.86 13.28
CA GLN C 116 1.20 1.48 13.01
C GLN C 116 0.49 0.93 14.27
N PHE C 117 1.27 0.50 15.26
CA PHE C 117 0.69 -0.10 16.46
C PHE C 117 0.21 0.98 17.42
N VAL C 118 -0.92 0.71 18.06
CA VAL C 118 -1.57 1.61 18.99
C VAL C 118 -1.35 1.05 20.40
N LYS C 119 -0.80 1.85 21.28
CA LYS C 119 -0.45 1.38 22.62
C LYS C 119 -1.73 1.20 23.44
N ILE C 120 -1.84 0.04 24.08
CA ILE C 120 -2.92 -0.28 25.05
C ILE C 120 -2.50 0.15 26.44
N ASP C 121 -1.31 -0.30 26.86
CA ASP C 121 -0.80 0.08 28.16
C ASP C 121 0.66 -0.36 28.31
N THR C 122 1.30 0.20 29.33
CA THR C 122 2.52 -0.35 29.86
C THR C 122 2.08 -1.32 30.93
N ILE C 123 2.52 -2.58 30.84
CA ILE C 123 2.09 -3.62 31.78
C ILE C 123 3.20 -3.80 32.80
N ALA C 124 2.81 -3.81 34.07
CA ALA C 124 3.73 -4.01 35.17
C ALA C 124 3.15 -5.05 36.12
N ALA C 125 4.02 -5.66 36.93
CA ALA C 125 3.55 -6.45 38.04
C ALA C 125 2.81 -5.48 38.96
N ASP C 126 1.59 -5.79 39.34
CA ASP C 126 0.82 -4.88 40.16
C ASP C 126 0.31 -5.82 41.26
N GLU C 127 -0.92 -5.67 41.65
CA GLU C 127 -1.40 -6.31 42.88
C GLU C 127 -2.27 -7.56 42.60
N SER C 128 -2.35 -8.00 41.35
N SER C 128 -2.33 -8.01 41.36
CA SER C 128 -3.15 -9.17 41.02
CA SER C 128 -3.17 -9.12 40.99
C SER C 128 -2.30 -10.34 40.60
C SER C 128 -2.32 -10.33 40.57
N PHE C 129 -2.58 -11.49 41.18
CA PHE C 129 -1.81 -12.68 40.93
C PHE C 129 -2.69 -13.90 40.71
N THR C 130 -2.09 -14.93 40.18
CA THR C 130 -2.76 -16.22 40.03
C THR C 130 -1.71 -17.31 40.30
N GLN C 131 -2.19 -18.50 40.61
CA GLN C 131 -1.35 -19.63 40.86
C GLN C 131 -1.74 -20.69 39.84
N VAL C 132 -0.74 -21.24 39.16
CA VAL C 132 -0.96 -22.29 38.20
C VAL C 132 -0.22 -23.54 38.67
N ASP C 133 -0.96 -24.52 39.14
CA ASP C 133 -0.38 -25.76 39.67
C ASP C 133 0.00 -26.62 38.48
N ILE C 134 1.29 -26.90 38.34
CA ILE C 134 1.75 -27.71 37.22
C ILE C 134 2.35 -29.06 37.65
N GLY C 135 2.02 -29.50 38.87
CA GLY C 135 2.32 -30.86 39.33
C GLY C 135 3.41 -30.81 40.37
N ASP C 136 4.65 -30.82 39.93
CA ASP C 136 5.79 -30.78 40.83
C ASP C 136 5.83 -29.47 41.61
N ARG C 137 5.21 -28.40 41.11
CA ARG C 137 5.13 -27.16 41.90
C ARG C 137 4.12 -26.17 41.29
N ILE C 138 4.06 -24.97 41.85
CA ILE C 138 3.00 -24.00 41.54
C ILE C 138 3.60 -22.69 41.04
N MET C 139 3.23 -22.26 39.83
CA MET C 139 3.73 -21.00 39.29
C MET C 139 2.91 -19.88 39.90
N LYS C 140 3.57 -18.94 40.58
CA LYS C 140 2.90 -17.76 41.05
C LYS C 140 3.18 -16.69 40.02
N LEU C 141 2.12 -16.24 39.37
CA LEU C 141 2.21 -15.34 38.24
C LEU C 141 1.40 -14.09 38.48
N ASN C 142 1.86 -12.99 37.91
CA ASN C 142 0.98 -11.83 37.81
C ASN C 142 -0.09 -12.08 36.75
N THR C 143 -1.25 -11.50 36.97
CA THR C 143 -2.33 -11.57 35.99
C THR C 143 -2.87 -10.16 35.77
N GLU C 144 -3.03 -9.77 34.52
CA GLU C 144 -3.54 -8.44 34.22
C GLU C 144 -4.53 -8.55 33.09
N ILE C 145 -5.58 -7.75 33.14
CA ILE C 145 -6.59 -7.74 32.08
C ILE C 145 -6.79 -6.30 31.60
N ARG C 146 -6.98 -6.13 30.28
CA ARG C 146 -7.22 -4.80 29.67
C ARG C 146 -8.31 -4.97 28.64
N ASP C 147 -9.17 -3.97 28.51
CA ASP C 147 -10.13 -3.96 27.43
C ASP C 147 -9.70 -3.00 26.29
N VAL C 148 -10.12 -3.31 25.09
CA VAL C 148 -9.85 -2.51 23.93
C VAL C 148 -11.17 -2.31 23.17
N GLY C 149 -11.45 -1.06 22.84
CA GLY C 149 -12.50 -0.74 21.91
C GLY C 149 -12.69 0.75 21.86
N PRO C 150 -13.35 1.24 20.82
CA PRO C 150 -14.14 0.42 19.89
C PRO C 150 -13.33 -0.12 18.75
N LEU C 151 -13.76 -1.22 18.16
CA LEU C 151 -13.06 -1.84 17.02
C LEU C 151 -13.88 -1.63 15.77
N SER C 152 -13.24 -1.55 14.63
CA SER C 152 -14.00 -1.36 13.40
C SER C 152 -13.47 -2.06 12.18
N LYS C 153 -12.36 -2.80 12.28
CA LYS C 153 -11.88 -3.54 11.12
C LYS C 153 -12.19 -5.02 11.31
N LYS C 154 -11.90 -5.84 10.31
CA LYS C 154 -12.31 -7.24 10.39
C LYS C 154 -11.61 -7.97 11.54
N GLY C 155 -10.37 -7.56 11.81
CA GLY C 155 -9.61 -8.17 12.90
C GLY C 155 -8.49 -7.29 13.35
N PHE C 156 -7.54 -7.88 14.07
CA PHE C 156 -6.44 -7.14 14.65
C PHE C 156 -5.29 -8.05 15.00
N TYR C 157 -4.14 -7.41 15.22
CA TYR C 157 -2.94 -8.06 15.69
C TYR C 157 -2.59 -7.49 17.05
N LEU C 158 -2.17 -8.35 17.98
N LEU C 158 -2.14 -8.35 17.95
CA LEU C 158 -1.66 -7.89 19.26
CA LEU C 158 -1.67 -7.92 19.24
C LEU C 158 -0.15 -7.96 19.21
C LEU C 158 -0.14 -8.00 19.23
N ALA C 159 0.51 -7.02 19.89
CA ALA C 159 1.96 -7.02 19.96
C ALA C 159 2.44 -6.68 21.36
N PHE C 160 3.61 -7.23 21.67
CA PHE C 160 4.29 -7.04 22.92
C PHE C 160 5.68 -6.51 22.61
N GLN C 161 6.05 -5.42 23.27
CA GLN C 161 7.36 -4.80 23.06
C GLN C 161 8.16 -4.84 24.36
N ASP C 162 9.39 -5.33 24.26
CA ASP C 162 10.33 -5.34 25.37
C ASP C 162 11.42 -4.31 25.09
N VAL C 163 11.70 -3.48 26.08
CA VAL C 163 12.74 -2.49 25.97
C VAL C 163 13.86 -2.68 26.99
N GLY C 164 13.98 -3.89 27.50
CA GLY C 164 15.09 -4.26 28.37
C GLY C 164 14.70 -4.81 29.73
N ALA C 165 13.66 -5.64 29.76
CA ALA C 165 13.21 -6.27 30.98
C ALA C 165 13.57 -7.76 30.92
N CYS C 166 13.27 -8.45 32.01
CA CYS C 166 13.43 -9.89 32.08
C CYS C 166 12.01 -10.43 32.32
N ILE C 167 11.40 -10.85 31.23
CA ILE C 167 9.96 -11.09 31.20
C ILE C 167 9.61 -12.47 30.64
N ALA C 168 8.66 -13.16 31.27
CA ALA C 168 8.06 -14.35 30.69
C ALA C 168 6.58 -14.15 30.59
N LEU C 169 6.07 -14.20 29.36
CA LEU C 169 4.63 -14.25 29.07
C LEU C 169 4.20 -15.68 29.08
N VAL C 170 3.42 -16.07 30.07
CA VAL C 170 3.09 -17.46 30.29
C VAL C 170 1.76 -17.86 29.61
N SER C 171 0.79 -16.93 29.59
N SER C 171 0.81 -16.93 29.56
CA SER C 171 -0.51 -17.15 28.94
CA SER C 171 -0.41 -17.15 28.81
C SER C 171 -1.06 -15.83 28.39
C SER C 171 -1.03 -15.82 28.36
N VAL C 172 -1.66 -15.88 27.21
CA VAL C 172 -2.39 -14.74 26.63
C VAL C 172 -3.73 -15.28 26.14
N ARG C 173 -4.80 -14.63 26.60
CA ARG C 173 -6.16 -14.95 26.14
C ARG C 173 -6.87 -13.69 25.73
N VAL C 174 -7.57 -13.75 24.61
CA VAL C 174 -8.38 -12.61 24.15
C VAL C 174 -9.80 -13.13 23.99
N PHE C 175 -10.77 -12.38 24.49
CA PHE C 175 -12.18 -12.78 24.37
C PHE C 175 -13.08 -11.58 24.22
N TYR C 176 -14.31 -11.84 23.82
CA TYR C 176 -15.37 -10.85 23.88
C TYR C 176 -16.58 -11.43 24.60
N LYS C 177 -17.52 -10.56 24.93
CA LYS C 177 -18.70 -10.93 25.69
C LYS C 177 -19.93 -10.94 24.78
N LYS C 178 -20.76 -11.97 24.93
CA LYS C 178 -21.99 -12.10 24.12
C LYS C 178 -23.05 -11.14 24.57
N ALA C 179 -23.88 -10.73 23.63
N GLY D 1 16.03 -0.44 -41.13
CA GLY D 1 14.82 -0.97 -41.82
C GLY D 1 14.39 -2.32 -41.27
N PRO D 2 13.39 -2.95 -41.90
CA PRO D 2 12.91 -4.27 -41.49
C PRO D 2 14.04 -5.27 -41.20
N GLY D 3 15.13 -5.20 -41.96
CA GLY D 3 16.30 -6.07 -41.76
C GLY D 3 16.87 -6.06 -40.35
N ASN D 4 16.82 -4.91 -39.69
CA ASN D 4 17.34 -4.75 -38.33
C ASN D 4 16.25 -4.89 -37.25
N GLU D 5 15.00 -5.04 -37.66
CA GLU D 5 13.85 -5.07 -36.75
C GLU D 5 13.35 -6.48 -36.55
N VAL D 6 12.91 -6.79 -35.33
CA VAL D 6 12.23 -8.01 -35.04
C VAL D 6 10.83 -7.62 -34.58
N THR D 7 9.81 -8.11 -35.28
CA THR D 7 8.44 -7.82 -34.91
C THR D 7 7.97 -8.68 -33.72
N LEU D 8 7.37 -8.02 -32.73
CA LEU D 8 6.77 -8.65 -31.56
C LEU D 8 5.25 -8.74 -31.65
N LEU D 9 4.63 -7.79 -32.34
CA LEU D 9 3.19 -7.77 -32.57
C LEU D 9 2.94 -6.97 -33.83
N ASP D 10 2.06 -7.47 -34.69
CA ASP D 10 1.62 -6.65 -35.84
C ASP D 10 0.18 -6.97 -36.14
N SER D 11 -0.68 -6.02 -35.83
CA SER D 11 -2.09 -6.27 -35.96
C SER D 11 -2.47 -6.54 -37.43
N ARG D 12 -1.69 -6.02 -38.38
CA ARG D 12 -1.98 -6.19 -39.81
C ARG D 12 -1.72 -7.59 -40.32
N SER D 13 -0.92 -8.36 -39.60
CA SER D 13 -0.57 -9.70 -40.07
C SER D 13 -1.30 -10.83 -39.34
N VAL D 14 -2.20 -10.50 -38.43
CA VAL D 14 -2.94 -11.51 -37.67
C VAL D 14 -4.02 -12.12 -38.58
N GLN D 15 -4.12 -13.44 -38.58
CA GLN D 15 -5.17 -14.16 -39.33
C GLN D 15 -6.40 -14.31 -38.40
N GLY D 16 -7.55 -13.86 -38.88
CA GLY D 16 -8.79 -13.90 -38.09
C GLY D 16 -8.88 -12.73 -37.13
N GLU D 17 -9.89 -12.74 -36.26
CA GLU D 17 -10.11 -11.63 -35.35
C GLU D 17 -8.95 -11.42 -34.39
N LEU D 18 -8.69 -10.18 -34.03
CA LEU D 18 -7.63 -9.88 -33.06
C LEU D 18 -7.94 -10.44 -31.68
N GLY D 19 -9.20 -10.31 -31.28
CA GLY D 19 -9.68 -10.84 -30.00
C GLY D 19 -8.99 -10.27 -28.79
N TRP D 20 -8.55 -9.01 -28.87
CA TRP D 20 -7.95 -8.36 -27.73
C TRP D 20 -8.99 -8.19 -26.62
N ILE D 21 -8.59 -7.81 -25.41
CA ILE D 21 -9.52 -7.75 -24.31
C ILE D 21 -9.99 -6.31 -24.11
N ALA D 22 -11.30 -6.10 -24.24
CA ALA D 22 -11.90 -4.79 -24.04
C ALA D 22 -12.62 -4.75 -22.70
N SER D 23 -12.52 -3.61 -22.02
N SER D 23 -12.50 -3.64 -21.99
CA SER D 23 -13.23 -3.34 -20.79
CA SER D 23 -13.22 -3.36 -20.76
C SER D 23 -13.80 -1.92 -20.86
C SER D 23 -13.78 -1.93 -20.87
N PRO D 24 -15.11 -1.77 -21.01
CA PRO D 24 -16.17 -2.81 -21.06
C PRO D 24 -16.06 -3.75 -22.26
N LEU D 25 -16.52 -4.98 -22.05
CA LEU D 25 -16.51 -6.00 -23.09
C LEU D 25 -17.37 -5.65 -24.27
N GLU D 26 -18.47 -4.95 -23.99
CA GLU D 26 -19.42 -4.56 -25.02
C GLU D 26 -19.70 -3.09 -24.92
N GLY D 27 -19.85 -2.44 -26.07
CA GLY D 27 -20.31 -1.07 -26.09
C GLY D 27 -19.20 -0.03 -26.04
N GLY D 28 -17.96 -0.46 -25.81
CA GLY D 28 -16.78 0.41 -25.89
C GLY D 28 -15.98 0.11 -27.14
N TRP D 29 -14.69 -0.23 -26.98
CA TRP D 29 -13.89 -0.59 -28.10
C TRP D 29 -14.45 -1.85 -28.79
N GLU D 30 -14.60 -1.79 -30.11
N GLU D 30 -14.63 -1.79 -30.10
CA GLU D 30 -15.13 -2.92 -30.88
CA GLU D 30 -15.15 -2.89 -30.90
C GLU D 30 -14.28 -3.13 -32.15
C GLU D 30 -14.26 -3.15 -32.12
N GLU D 31 -14.18 -4.40 -32.54
CA GLU D 31 -13.46 -4.76 -33.77
C GLU D 31 -14.27 -4.39 -34.98
N VAL D 32 -13.62 -3.75 -35.95
CA VAL D 32 -14.24 -3.37 -37.20
C VAL D 32 -13.28 -3.73 -38.32
N SER D 33 -13.75 -4.57 -39.26
CA SER D 33 -12.96 -4.89 -40.44
C SER D 33 -13.15 -3.88 -41.56
N ILE D 34 -12.05 -3.42 -42.14
CA ILE D 34 -12.07 -2.66 -43.37
C ILE D 34 -11.51 -3.55 -44.48
N MET D 35 -12.29 -3.78 -45.53
CA MET D 35 -11.90 -4.76 -46.57
C MET D 35 -10.99 -4.15 -47.62
N ASN D 39 -10.78 -8.30 -51.15
CA ASN D 39 -11.71 -8.51 -50.02
C ASN D 39 -11.08 -9.02 -48.70
N THR D 40 -9.87 -8.59 -48.39
CA THR D 40 -9.11 -9.11 -47.26
C THR D 40 -9.17 -8.13 -46.08
N PRO D 41 -9.59 -8.61 -44.88
CA PRO D 41 -9.83 -7.63 -43.83
C PRO D 41 -8.59 -6.95 -43.22
N ILE D 42 -8.68 -5.64 -43.04
CA ILE D 42 -7.80 -4.88 -42.13
C ILE D 42 -8.53 -4.80 -40.79
N ARG D 43 -7.92 -5.37 -39.76
CA ARG D 43 -8.58 -5.50 -38.48
C ARG D 43 -8.30 -4.30 -37.61
N THR D 44 -9.32 -3.47 -37.42
CA THR D 44 -9.20 -2.23 -36.67
C THR D 44 -9.98 -2.35 -35.36
N TYR D 45 -9.66 -1.46 -34.42
CA TYR D 45 -10.45 -1.30 -33.21
C TYR D 45 -10.95 0.13 -33.14
N GLN D 46 -12.23 0.31 -32.82
CA GLN D 46 -12.83 1.63 -32.84
C GLN D 46 -13.72 1.84 -31.65
N VAL D 47 -13.84 3.11 -31.25
CA VAL D 47 -14.83 3.49 -30.26
C VAL D 47 -15.22 4.95 -30.55
N CYS D 48 -16.50 5.27 -30.35
CA CYS D 48 -17.00 6.59 -30.68
C CYS D 48 -18.27 6.86 -29.89
N ASN D 49 -18.16 6.84 -28.57
CA ASN D 49 -19.30 7.08 -27.69
C ASN D 49 -19.37 8.54 -27.28
N VAL D 50 -19.30 9.43 -28.27
CA VAL D 50 -19.22 10.84 -28.00
C VAL D 50 -20.55 11.40 -27.51
N MET D 51 -21.64 10.64 -27.69
CA MET D 51 -22.97 11.08 -27.22
C MET D 51 -23.29 10.65 -25.80
N GLU D 52 -22.40 9.90 -25.16
CA GLU D 52 -22.62 9.38 -23.80
C GLU D 52 -21.58 9.94 -22.84
N PRO D 53 -21.98 10.29 -21.60
CA PRO D 53 -21.02 10.88 -20.68
C PRO D 53 -20.11 9.86 -20.00
N SER D 54 -19.06 10.37 -19.35
CA SER D 54 -18.22 9.57 -18.44
C SER D 54 -17.61 8.35 -19.10
N GLN D 55 -16.98 8.55 -20.26
CA GLN D 55 -16.33 7.44 -20.97
C GLN D 55 -14.97 7.07 -20.37
N ASN D 56 -14.74 5.78 -20.25
CA ASN D 56 -13.47 5.23 -19.76
C ASN D 56 -13.33 3.83 -20.34
N ASN D 57 -13.06 3.76 -21.64
CA ASN D 57 -13.05 2.51 -22.35
C ASN D 57 -11.63 2.03 -22.57
N TRP D 58 -11.36 0.83 -22.11
CA TRP D 58 -10.01 0.26 -22.20
C TRP D 58 -9.97 -0.90 -23.17
N LEU D 59 -8.82 -1.03 -23.81
CA LEU D 59 -8.54 -2.11 -24.74
C LEU D 59 -7.12 -2.53 -24.44
N ARG D 60 -6.89 -3.83 -24.30
CA ARG D 60 -5.52 -4.29 -24.11
C ARG D 60 -5.17 -5.46 -24.99
N THR D 61 -3.91 -5.46 -25.42
CA THR D 61 -3.42 -6.57 -26.21
C THR D 61 -3.35 -7.80 -25.33
N ASP D 62 -3.13 -8.94 -25.98
CA ASP D 62 -2.72 -10.09 -25.25
C ASP D 62 -1.25 -9.86 -24.87
N TRP D 63 -0.73 -10.78 -24.06
CA TRP D 63 0.66 -10.68 -23.60
C TRP D 63 1.62 -10.73 -24.79
N ILE D 64 2.63 -9.88 -24.77
CA ILE D 64 3.63 -9.75 -25.81
C ILE D 64 4.96 -10.12 -25.19
N THR D 65 5.58 -11.19 -25.68
CA THR D 65 6.94 -11.51 -25.23
C THR D 65 7.88 -10.34 -25.62
N ARG D 66 8.83 -9.99 -24.77
CA ARG D 66 9.85 -9.03 -25.23
C ARG D 66 11.04 -9.71 -25.89
N GLU D 67 11.12 -11.05 -25.86
N GLU D 67 11.00 -11.05 -25.97
CA GLU D 67 12.28 -11.77 -26.41
CA GLU D 67 12.14 -11.82 -26.35
C GLU D 67 13.64 -11.21 -26.07
C GLU D 67 13.28 -11.27 -25.50
N GLY D 68 13.92 -10.85 -24.83
N GLY D 68 14.41 -10.92 -26.09
CA GLY D 68 15.22 -10.32 -24.49
CA GLY D 68 15.53 -10.44 -25.30
C GLY D 68 15.55 -8.90 -24.95
C GLY D 68 15.65 -8.93 -25.20
N ALA D 69 14.62 -8.21 -25.62
CA ALA D 69 14.83 -6.81 -25.96
C ALA D 69 14.86 -5.96 -24.72
N GLN D 70 15.70 -4.95 -24.76
CA GLN D 70 15.76 -3.96 -23.69
C GLN D 70 14.85 -2.75 -23.93
N ARG D 71 14.52 -2.50 -25.19
CA ARG D 71 13.71 -1.35 -25.54
C ARG D 71 12.87 -1.78 -26.71
N VAL D 72 11.59 -1.39 -26.72
CA VAL D 72 10.70 -1.71 -27.82
C VAL D 72 10.14 -0.41 -28.40
N TYR D 73 9.56 -0.55 -29.58
CA TYR D 73 9.08 0.58 -30.35
C TYR D 73 7.67 0.24 -30.79
N ILE D 74 6.76 1.19 -30.58
CA ILE D 74 5.34 0.98 -30.83
C ILE D 74 4.90 1.97 -31.89
N GLU D 75 4.40 1.44 -33.02
CA GLU D 75 3.99 2.27 -34.17
C GLU D 75 2.48 2.12 -34.32
N ILE D 76 1.76 3.23 -34.31
CA ILE D 76 0.30 3.19 -34.45
C ILE D 76 -0.14 4.07 -35.60
N LYS D 77 -0.99 3.52 -36.43
CA LYS D 77 -1.69 4.27 -37.47
C LYS D 77 -3.16 4.39 -37.04
N PHE D 78 -3.68 5.61 -37.09
CA PHE D 78 -5.01 5.88 -36.55
C PHE D 78 -5.62 7.09 -37.20
N THR D 79 -6.93 7.21 -37.00
CA THR D 79 -7.62 8.40 -37.42
C THR D 79 -8.70 8.74 -36.39
N LEU D 80 -8.95 10.04 -36.27
CA LEU D 80 -10.02 10.54 -35.43
C LEU D 80 -11.03 11.33 -36.22
N ARG D 81 -12.29 11.29 -35.81
CA ARG D 81 -13.32 12.15 -36.42
C ARG D 81 -13.26 13.48 -35.68
N ASP D 82 -13.15 14.60 -36.41
CA ASP D 82 -13.07 15.89 -35.77
C ASP D 82 -14.32 16.16 -34.95
N CYS D 83 -14.12 16.65 -33.73
CA CYS D 83 -15.22 16.96 -32.82
C CYS D 83 -16.10 18.04 -33.40
N ASN D 84 -15.52 18.97 -34.13
CA ASN D 84 -16.33 20.07 -34.67
C ASN D 84 -17.22 19.64 -35.84
N SER D 85 -17.08 18.39 -36.31
CA SER D 85 -17.96 17.84 -37.34
C SER D 85 -19.16 17.09 -36.73
N LEU D 86 -19.16 16.91 -35.41
CA LEU D 86 -20.17 16.10 -34.74
C LEU D 86 -21.18 17.02 -33.98
N PRO D 87 -22.49 16.68 -33.99
CA PRO D 87 -23.49 17.56 -33.36
C PRO D 87 -23.59 17.44 -31.82
N GLY D 88 -23.66 18.58 -31.14
CA GLY D 88 -23.92 18.56 -29.70
C GLY D 88 -22.84 18.09 -28.74
N VAL D 89 -21.60 18.10 -29.22
CA VAL D 89 -20.47 17.48 -28.50
C VAL D 89 -19.37 18.47 -28.15
N MET D 90 -19.51 19.74 -28.51
CA MET D 90 -18.39 20.67 -28.25
C MET D 90 -18.21 20.92 -26.73
N GLY D 91 -16.97 20.87 -26.22
CA GLY D 91 -16.77 20.88 -24.77
C GLY D 91 -16.54 19.50 -24.13
N THR D 92 -17.07 18.42 -24.72
CA THR D 92 -16.96 17.07 -24.13
C THR D 92 -16.17 16.05 -24.98
N CYS D 93 -16.40 16.18 -26.27
CA CYS D 93 -15.69 15.38 -27.26
C CYS D 93 -14.16 15.61 -27.20
N LYS D 94 -13.41 14.53 -27.32
CA LYS D 94 -11.97 14.58 -27.23
C LYS D 94 -11.36 14.18 -28.55
N GLU D 95 -10.10 14.55 -28.78
CA GLU D 95 -9.40 14.16 -29.98
C GLU D 95 -8.06 13.52 -29.66
N THR D 96 -8.00 12.81 -28.55
CA THR D 96 -6.80 12.07 -28.17
C THR D 96 -7.21 10.73 -27.58
N PHE D 97 -6.22 9.87 -27.37
CA PHE D 97 -6.40 8.65 -26.59
C PHE D 97 -5.10 8.41 -25.82
N ASN D 98 -5.16 7.59 -24.78
CA ASN D 98 -3.98 7.35 -23.95
C ASN D 98 -3.43 5.96 -24.19
N LEU D 99 -2.09 5.86 -24.17
CA LEU D 99 -1.39 4.66 -24.47
C LEU D 99 -0.64 4.26 -23.22
N TYR D 100 -0.70 2.98 -22.86
CA TYR D 100 -0.08 2.47 -21.65
C TYR D 100 0.59 1.13 -21.88
N TYR D 101 1.45 0.74 -20.96
CA TYR D 101 1.92 -0.64 -20.92
C TYR D 101 1.97 -1.17 -19.49
N TYR D 102 2.05 -2.48 -19.39
CA TYR D 102 2.19 -3.15 -18.09
C TYR D 102 3.11 -4.32 -18.31
N GLU D 103 4.24 -4.35 -17.61
CA GLU D 103 5.17 -5.48 -17.72
C GLU D 103 4.72 -6.60 -16.80
N SER D 104 4.86 -7.84 -17.27
CA SER D 104 4.49 -8.99 -16.44
C SER D 104 5.16 -10.25 -16.91
N ASP D 105 5.49 -11.12 -15.94
CA ASP D 105 5.93 -12.46 -16.22
C ASP D 105 4.74 -13.37 -16.53
N ASN D 106 3.52 -12.91 -16.23
CA ASN D 106 2.32 -13.72 -16.38
C ASN D 106 1.65 -13.45 -17.71
N ASP D 107 1.59 -14.46 -18.55
CA ASP D 107 1.04 -14.34 -19.88
C ASP D 107 -0.47 -14.53 -19.95
N LYS D 108 -1.11 -14.75 -18.80
CA LYS D 108 -2.56 -14.95 -18.76
C LYS D 108 -3.17 -14.13 -17.65
N GLU D 109 -2.75 -12.88 -17.57
CA GLU D 109 -3.30 -11.98 -16.58
C GLU D 109 -4.81 -11.89 -16.80
N ARG D 110 -5.58 -11.86 -15.72
N ARG D 110 -5.52 -12.24 -15.72
CA ARG D 110 -6.99 -11.49 -15.78
CA ARG D 110 -6.97 -12.33 -15.63
C ARG D 110 -7.15 -10.13 -15.10
C ARG D 110 -7.52 -10.93 -15.51
N PHE D 111 -8.01 -9.30 -15.66
N PHE D 111 -6.70 -10.04 -14.97
CA PHE D 111 -8.42 -8.05 -15.04
CA PHE D 111 -7.01 -8.65 -14.92
C PHE D 111 -7.25 -7.29 -14.35
C PHE D 111 -5.79 -7.82 -14.61
N ILE D 112 -6.40 -6.69 -15.17
N ILE D 112 -5.85 -6.59 -15.09
CA ILE D 112 -5.27 -5.86 -14.73
CA ILE D 112 -4.85 -5.62 -14.75
C ILE D 112 -5.87 -4.54 -14.29
C ILE D 112 -5.63 -4.40 -14.36
N ARG D 113 -5.49 -4.03 -13.10
CA ARG D 113 -6.11 -2.83 -12.55
C ARG D 113 -5.63 -1.62 -13.36
N GLU D 114 -6.49 -0.60 -13.46
CA GLU D 114 -6.11 0.61 -14.14
C GLU D 114 -4.82 1.16 -13.58
N ASN D 115 -4.67 1.10 -12.26
CA ASN D 115 -3.48 1.68 -11.63
C ASN D 115 -2.21 0.83 -11.78
N GLN D 116 -2.28 -0.32 -12.44
CA GLN D 116 -1.09 -1.06 -12.72
C GLN D 116 -0.45 -0.59 -14.03
N PHE D 117 -1.24 0.04 -14.89
CA PHE D 117 -0.73 0.43 -16.21
C PHE D 117 0.13 1.68 -16.08
N VAL D 118 1.23 1.72 -16.82
CA VAL D 118 2.13 2.84 -16.84
C VAL D 118 1.90 3.61 -18.13
N LYS D 119 1.70 4.92 -18.01
CA LYS D 119 1.33 5.72 -19.18
C LYS D 119 2.57 5.96 -20.03
N ILE D 120 2.42 5.74 -21.34
CA ILE D 120 3.47 6.05 -22.32
C ILE D 120 3.27 7.47 -22.81
N ASP D 121 2.07 7.78 -23.26
CA ASP D 121 1.77 9.13 -23.73
C ASP D 121 0.27 9.29 -23.99
N THR D 122 -0.14 10.52 -24.10
CA THR D 122 -1.41 10.89 -24.72
C THR D 122 -1.13 11.04 -26.19
N ILE D 123 -1.83 10.29 -27.02
CA ILE D 123 -1.57 10.27 -28.46
C ILE D 123 -2.61 11.18 -29.12
N ALA D 124 -2.12 12.05 -29.99
CA ALA D 124 -2.98 12.96 -30.73
C ALA D 124 -2.54 12.94 -32.18
N ALA D 125 -3.42 13.39 -33.04
CA ALA D 125 -3.00 13.69 -34.39
C ALA D 125 -1.93 14.81 -34.29
N ASP D 126 -0.78 14.67 -34.94
CA ASP D 126 0.28 15.66 -34.82
C ASP D 126 0.74 15.87 -36.26
N GLU D 127 2.02 15.92 -36.50
CA GLU D 127 2.54 16.37 -37.81
C GLU D 127 3.02 15.20 -38.71
N SER D 128 2.73 13.95 -38.33
N SER D 128 2.58 13.98 -38.41
CA SER D 128 3.12 12.81 -39.12
CA SER D 128 3.09 12.77 -39.03
C SER D 128 1.92 12.00 -39.64
C SER D 128 1.93 11.97 -39.62
N PHE D 129 1.95 11.74 -40.94
CA PHE D 129 0.88 11.03 -41.61
C PHE D 129 1.40 9.95 -42.54
N THR D 130 0.50 9.06 -42.92
CA THR D 130 0.81 8.02 -43.88
C THR D 130 -0.43 7.83 -44.77
N GLN D 131 -0.23 7.23 -45.93
CA GLN D 131 -1.33 6.87 -46.82
C GLN D 131 -1.29 5.37 -47.03
N VAL D 132 -2.45 4.72 -46.87
CA VAL D 132 -2.53 3.29 -47.08
C VAL D 132 -3.51 3.05 -48.23
N ASP D 133 -2.98 2.64 -49.38
CA ASP D 133 -3.80 2.36 -50.56
C ASP D 133 -4.46 0.99 -50.36
N ILE D 134 -5.80 0.97 -50.31
CA ILE D 134 -6.53 -0.29 -50.14
C ILE D 134 -7.38 -0.68 -51.35
N GLY D 135 -7.07 -0.09 -52.51
CA GLY D 135 -7.66 -0.51 -53.79
C GLY D 135 -8.64 0.54 -54.27
N ASP D 136 -9.87 0.44 -53.79
CA ASP D 136 -10.93 1.37 -54.16
C ASP D 136 -10.58 2.81 -53.71
N ARG D 137 -9.75 2.96 -52.69
CA ARG D 137 -9.31 4.31 -52.28
C ARG D 137 -8.15 4.24 -51.26
N ILE D 138 -7.77 5.39 -50.71
CA ILE D 138 -6.53 5.53 -49.93
C ILE D 138 -6.83 6.09 -48.55
N MET D 139 -6.46 5.35 -47.51
CA MET D 139 -6.69 5.82 -46.14
C MET D 139 -5.58 6.82 -45.80
N LYS D 140 -5.95 8.05 -45.44
CA LYS D 140 -4.98 9.02 -44.92
C LYS D 140 -5.07 8.96 -43.41
N LEU D 141 -4.00 8.50 -42.80
CA LEU D 141 -3.97 8.22 -41.40
C LEU D 141 -2.86 8.99 -40.72
N ASN D 142 -3.05 9.28 -39.44
CA ASN D 142 -1.94 9.71 -38.60
C ASN D 142 -1.07 8.53 -38.25
N THR D 143 0.23 8.77 -38.12
CA THR D 143 1.18 7.74 -37.72
C THR D 143 2.05 8.26 -36.60
N GLU D 144 2.16 7.50 -35.51
CA GLU D 144 2.95 7.93 -34.39
C GLU D 144 3.77 6.75 -33.90
N ILE D 145 4.98 7.02 -33.45
CA ILE D 145 5.86 5.98 -32.90
C ILE D 145 6.36 6.44 -31.51
N ARG D 146 6.43 5.50 -30.58
CA ARG D 146 6.93 5.74 -29.25
C ARG D 146 7.83 4.59 -28.84
N ASP D 147 8.88 4.87 -28.07
CA ASP D 147 9.72 3.81 -27.52
C ASP D 147 9.42 3.62 -26.00
N VAL D 148 9.67 2.43 -25.54
CA VAL D 148 9.49 2.06 -24.16
C VAL D 148 10.73 1.29 -23.71
N GLY D 149 11.28 1.71 -22.60
CA GLY D 149 12.26 0.93 -21.89
C GLY D 149 12.75 1.72 -20.71
N PRO D 150 13.43 1.07 -19.78
CA PRO D 150 13.91 -0.29 -19.93
C PRO D 150 12.87 -1.29 -19.55
N LEU D 151 13.00 -2.51 -20.06
CA LEU D 151 12.07 -3.61 -19.74
C LEU D 151 12.80 -4.65 -18.92
N SER D 152 12.08 -5.32 -18.04
CA SER D 152 12.72 -6.38 -17.26
C SER D 152 11.91 -7.63 -16.97
N LYS D 153 10.66 -7.73 -17.41
CA LYS D 153 9.88 -8.91 -17.17
C LYS D 153 9.84 -9.73 -18.44
N LYS D 154 9.22 -10.90 -18.39
CA LYS D 154 9.24 -11.77 -19.58
C LYS D 154 8.52 -11.13 -20.76
N GLY D 155 7.48 -10.36 -20.46
CA GLY D 155 6.73 -9.69 -21.51
C GLY D 155 5.94 -8.54 -20.96
N PHE D 156 4.98 -8.09 -21.75
CA PHE D 156 4.19 -6.91 -21.41
C PHE D 156 2.88 -6.90 -22.19
N TYR D 157 1.97 -6.10 -21.69
CA TYR D 157 0.69 -5.80 -22.32
C TYR D 157 0.67 -4.34 -22.70
N LEU D 158 0.09 -4.04 -23.86
CA LEU D 158 -0.17 -2.66 -24.25
C LEU D 158 -1.65 -2.39 -24.08
N ALA D 159 -1.98 -1.18 -23.66
CA ALA D 159 -3.38 -0.79 -23.51
C ALA D 159 -3.63 0.58 -24.07
N PHE D 160 -4.86 0.73 -24.52
CA PHE D 160 -5.37 1.98 -25.09
C PHE D 160 -6.60 2.39 -24.31
N GLN D 161 -6.64 3.67 -23.89
CA GLN D 161 -7.78 4.17 -23.11
C GLN D 161 -8.45 5.30 -23.85
N ASP D 162 -9.76 5.18 -24.03
CA ASP D 162 -10.57 6.22 -24.62
C ASP D 162 -11.39 6.88 -23.53
N VAL D 163 -11.40 8.23 -23.54
CA VAL D 163 -12.17 8.99 -22.58
C VAL D 163 -13.23 9.89 -23.25
N GLY D 164 -13.60 9.56 -24.47
CA GLY D 164 -14.69 10.22 -25.17
C GLY D 164 -14.33 10.81 -26.54
N ALA D 165 -13.53 10.07 -27.30
CA ALA D 165 -13.14 10.47 -28.63
C ALA D 165 -13.86 9.61 -29.62
N CYS D 166 -13.69 9.93 -30.90
CA CYS D 166 -14.20 9.13 -31.99
C CYS D 166 -12.98 8.66 -32.78
N ILE D 167 -12.53 7.46 -32.44
CA ILE D 167 -11.15 7.00 -32.77
C ILE D 167 -11.20 5.66 -33.48
N ALA D 168 -10.41 5.52 -34.54
CA ALA D 168 -10.12 4.22 -35.12
C ALA D 168 -8.62 3.95 -35.08
N LEU D 169 -8.25 2.87 -34.40
CA LEU D 169 -6.88 2.33 -34.43
C LEU D 169 -6.80 1.35 -35.57
N VAL D 170 -6.06 1.74 -36.61
CA VAL D 170 -6.06 0.99 -37.86
C VAL D 170 -4.95 -0.07 -37.89
N SER D 171 -3.78 0.27 -37.31
N SER D 171 -3.81 0.25 -37.29
CA SER D 171 -2.64 -0.65 -37.25
CA SER D 171 -2.81 -0.77 -37.09
C SER D 171 -1.87 -0.41 -35.96
C SER D 171 -1.93 -0.42 -35.92
N VAL D 172 -1.44 -1.48 -35.32
CA VAL D 172 -0.52 -1.42 -34.17
C VAL D 172 0.61 -2.39 -34.47
N ARG D 173 1.85 -1.91 -34.43
CA ARG D 173 3.01 -2.75 -34.59
C ARG D 173 3.97 -2.47 -33.45
N VAL D 174 4.53 -3.53 -32.90
CA VAL D 174 5.57 -3.41 -31.86
C VAL D 174 6.78 -4.18 -32.34
N PHE D 175 7.96 -3.58 -32.22
CA PHE D 175 9.19 -4.24 -32.63
C PHE D 175 10.35 -3.87 -31.74
N TYR D 176 11.44 -4.64 -31.86
CA TYR D 176 12.71 -4.26 -31.30
C TYR D 176 13.78 -4.29 -32.35
N LYS D 177 14.94 -3.74 -32.00
CA LYS D 177 16.06 -3.64 -32.92
C LYS D 177 17.17 -4.62 -32.54
N LYS D 178 17.71 -5.31 -33.53
CA LYS D 178 18.80 -6.28 -33.29
C LYS D 178 20.09 -5.58 -32.99
N ALA D 179 20.88 -6.19 -32.13
N PRO E 2 -7.36 14.16 9.45
CA PRO E 2 -8.23 14.61 10.50
C PRO E 2 -7.52 14.65 11.86
N TYR E 3 -7.65 15.76 12.55
CA TYR E 3 -7.14 15.88 13.87
C TYR E 3 -7.82 14.90 14.82
N CYS E 4 -9.14 14.77 14.70
CA CYS E 4 -9.93 13.82 15.50
C CYS E 4 -10.84 13.02 14.59
N VAL E 5 -11.24 11.85 15.05
CA VAL E 5 -12.20 11.01 14.38
C VAL E 5 -13.25 10.55 15.38
N TYR E 6 -14.50 10.53 14.95
CA TYR E 6 -15.61 10.15 15.82
C TYR E 6 -15.90 8.69 15.62
N ARG E 7 -15.81 7.93 16.72
CA ARG E 7 -15.88 6.50 16.69
C ARG E 7 -17.07 5.92 17.45
N SER E 9 -17.02 7.78 20.72
CA SER E 9 -16.45 9.04 21.21
C SER E 9 -15.54 9.59 20.17
N TRP E 10 -15.30 10.90 20.28
CA TRP E 10 -14.25 11.53 19.53
C TRP E 10 -12.90 11.05 20.08
N SER E 11 -11.94 10.81 19.20
CA SER E 11 -10.55 10.70 19.65
C SER E 11 -9.65 11.50 18.73
N CYS E 12 -8.76 12.25 19.38
CA CYS E 12 -7.94 13.28 18.75
C CYS E 12 -6.46 13.01 18.84
N PRO F 2 9.42 1.19 -2.19
CA PRO F 2 10.51 2.13 -2.45
C PRO F 2 10.03 3.38 -3.16
N TYR F 3 10.55 4.53 -2.75
CA TYR F 3 10.17 5.77 -3.38
C TYR F 3 10.67 5.74 -4.83
N CYS F 4 11.93 5.29 -5.00
CA CYS F 4 12.57 5.16 -6.30
C CYS F 4 13.14 3.77 -6.51
N VAL F 5 13.31 3.39 -7.78
CA VAL F 5 13.91 2.11 -8.16
C VAL F 5 14.97 2.38 -9.24
N TYR F 6 16.13 1.72 -9.13
CA TYR F 6 17.23 1.92 -10.11
C TYR F 6 17.13 0.82 -11.17
N ARG F 7 17.02 1.25 -12.41
CA ARG F 7 16.78 0.33 -13.49
C ARG F 7 17.85 0.39 -14.56
N SER F 9 18.57 3.98 -15.16
CA SER F 9 18.36 5.25 -14.40
C SER F 9 17.49 4.98 -13.22
N TRP F 10 17.56 5.93 -12.26
CA TRP F 10 16.59 5.99 -11.20
C TRP F 10 15.26 6.48 -11.76
N SER F 11 14.17 5.90 -11.29
CA SER F 11 12.87 6.57 -11.48
C SER F 11 12.08 6.48 -10.20
N CYS F 12 11.47 7.62 -9.89
CA CYS F 12 10.89 7.89 -8.60
C CYS F 12 9.44 8.22 -8.73
N PRO G 2 19.61 -14.97 27.02
CA PRO G 2 18.91 -14.57 28.21
C PRO G 2 19.74 -14.72 29.46
N TYR G 3 19.79 -13.67 30.24
CA TYR G 3 20.44 -13.70 31.53
C TYR G 3 19.73 -14.70 32.45
N CYS G 4 18.39 -14.66 32.49
CA CYS G 4 17.59 -15.65 33.19
C CYS G 4 16.57 -16.28 32.28
N VAL G 5 16.17 -17.50 32.63
CA VAL G 5 15.05 -18.18 31.97
C VAL G 5 14.06 -18.61 33.04
N TYR G 6 12.78 -18.40 32.79
CA TYR G 6 11.73 -18.83 33.71
C TYR G 6 11.30 -20.25 33.39
N ARG G 7 11.47 -21.17 34.38
CA ARG G 7 11.20 -22.57 34.20
C ARG G 7 10.02 -23.11 34.98
N SER G 9 10.52 -21.75 38.43
CA SER G 9 11.27 -20.67 39.02
C SER G 9 12.18 -20.05 37.99
N TRP G 10 12.53 -18.81 38.24
CA TRP G 10 13.59 -18.18 37.45
C TRP G 10 14.92 -18.85 37.77
N SER G 11 15.76 -19.01 36.75
CA SER G 11 17.18 -19.34 36.96
C SER G 11 18.05 -18.40 36.12
N CYS G 12 19.06 -17.85 36.77
CA CYS G 12 19.84 -16.74 36.27
C CYS G 12 21.32 -17.05 36.27
N PRO H 2 -21.41 3.12 -31.47
CA PRO H 2 -20.61 4.22 -32.01
C PRO H 2 -21.47 5.18 -32.83
N TYR H 3 -21.23 6.49 -32.69
CA TYR H 3 -21.91 7.47 -33.50
C TYR H 3 -21.44 7.46 -34.95
N CYS H 4 -20.14 7.19 -35.16
CA CYS H 4 -19.52 7.12 -36.48
C CYS H 4 -18.64 5.86 -36.53
N VAL H 5 -18.46 5.33 -37.72
CA VAL H 5 -17.60 4.16 -37.95
C VAL H 5 -16.71 4.52 -39.13
N TYR H 6 -15.44 4.18 -39.02
CA TYR H 6 -14.46 4.41 -40.08
C TYR H 6 -14.30 3.18 -40.96
N ARG H 7 -14.51 3.33 -42.27
CA ARG H 7 -14.42 2.20 -43.16
C ARG H 7 -13.42 2.39 -44.27
N SER H 9 -13.50 6.10 -45.35
CA SER H 9 -14.09 7.32 -44.83
C SER H 9 -14.91 7.04 -43.59
N TRP H 10 -14.96 8.04 -42.72
CA TRP H 10 -15.88 8.03 -41.60
C TRP H 10 -17.29 8.20 -42.10
N SER H 11 -18.23 7.43 -41.57
CA SER H 11 -19.64 7.72 -41.75
C SER H 11 -20.35 7.79 -40.41
N CYS H 12 -21.25 8.77 -40.28
CA CYS H 12 -21.85 9.08 -39.01
C CYS H 12 -23.35 9.02 -39.07
#